data_4I5B
#
_entry.id   4I5B
#
_cell.length_a   95.811
_cell.length_b   111.381
_cell.length_c   211.544
_cell.angle_alpha   90.00
_cell.angle_beta   90.00
_cell.angle_gamma   90.00
#
_symmetry.space_group_name_H-M   'C 2 2 21'
#
loop_
_entity.id
_entity.type
_entity.pdbx_description
1 polymer 'HLA class II histocompatibility antigen, DR alpha chain'
2 polymer 'HLA class II histocompatibility antigen, DRB1-1 beta chain'
3 polymer 'truncated hemagglutinin peptide'
4 water water
#
loop_
_entity_poly.entity_id
_entity_poly.type
_entity_poly.pdbx_seq_one_letter_code
_entity_poly.pdbx_strand_id
1 'polypeptide(L)'
;KEEHVIIQAEFYLNPDQSGEFMFDFDGDEIFHVDMAKKETVWRLEEFGRFASFEAQGALANIACDKANLEIMTKRSNYTP
ITNVPPEVTVLTNSPVELREPNVLICFIDKFTPPVVNVTWLRNGKPVTTGVSETVFLPREDHLFRKFHYLPFLPSTEDVY
DCRVEHWGLDEPLLKHWEFDAPSPLPE
;
A,D
2 'polypeptide(L)'
;DTRPRFLWQLKFECHFFNGTERVRLLERSIYNQEESVRFDSDVGEYRAVTELGRPDAEYWNSQKDLLEQRRAAVDTYCRH
NYGVGESFTVQRRVEPKVTVYPSKTQPLQHHNLLVCSVSGFYPGSIEVRWFRNGQEEKAGVVSTGLIQNGDWTFQTLVML
ETVPRSGEVYTCQVEHPSVTSPLTVEWRARSE
;
B,E
3 'polypeptide(L)' VVKQNCLKLATK C,F
#
# COMPACT_ATOMS: atom_id res chain seq x y z
N LYS A 1 11.17 7.06 -18.18
CA LYS A 1 10.52 7.74 -19.29
C LYS A 1 10.08 6.78 -20.41
N GLU A 2 9.88 5.51 -20.06
CA GLU A 2 9.38 4.53 -21.02
C GLU A 2 7.98 4.96 -21.51
N GLU A 3 7.62 4.59 -22.74
CA GLU A 3 6.27 4.85 -23.25
C GLU A 3 5.30 3.74 -22.88
N HIS A 4 5.79 2.50 -22.90
CA HIS A 4 4.92 1.35 -22.66
C HIS A 4 5.72 0.18 -22.10
N VAL A 5 5.00 -0.72 -21.44
CA VAL A 5 5.57 -1.97 -21.00
C VAL A 5 4.54 -3.07 -21.25
N ILE A 6 5.00 -4.19 -21.79
CA ILE A 6 4.16 -5.37 -21.94
C ILE A 6 4.75 -6.47 -21.07
N ILE A 7 3.93 -7.13 -20.27
CA ILE A 7 4.43 -8.14 -19.36
C ILE A 7 3.69 -9.46 -19.54
N GLN A 8 4.46 -10.53 -19.75
CA GLN A 8 3.93 -11.89 -19.68
C GLN A 8 4.19 -12.32 -18.26
N ALA A 9 3.13 -12.51 -17.47
CA ALA A 9 3.32 -12.86 -16.08
C ALA A 9 2.68 -14.21 -15.77
N GLU A 10 3.41 -15.03 -15.03
CA GLU A 10 2.95 -16.36 -14.68
C GLU A 10 3.18 -16.58 -13.20
N PHE A 11 2.37 -17.44 -12.60
CA PHE A 11 2.71 -17.90 -11.26
C PHE A 11 2.29 -19.32 -11.04
N TYR A 12 2.93 -19.97 -10.07
CA TYR A 12 2.43 -21.25 -9.59
C TYR A 12 2.50 -21.24 -8.08
N LEU A 13 1.48 -21.80 -7.43
CA LEU A 13 1.34 -21.75 -5.98
C LEU A 13 1.06 -23.13 -5.36
N ASN A 14 1.89 -23.52 -4.40
CA ASN A 14 1.71 -24.73 -3.60
C ASN A 14 1.36 -24.39 -2.16
N PRO A 15 0.58 -25.26 -1.49
CA PRO A 15 0.03 -26.55 -1.92
C PRO A 15 -1.25 -26.44 -2.73
N ASP A 16 -1.65 -25.22 -3.07
CA ASP A 16 -2.92 -25.02 -3.77
C ASP A 16 -2.95 -25.63 -5.16
N GLN A 17 -1.79 -25.75 -5.79
CA GLN A 17 -1.69 -26.17 -7.19
C GLN A 17 -2.47 -25.21 -8.08
N SER A 18 -2.30 -23.93 -7.82
CA SER A 18 -2.93 -22.90 -8.65
C SER A 18 -1.90 -22.24 -9.53
N GLY A 19 -2.24 -22.06 -10.79
CA GLY A 19 -1.34 -21.44 -11.74
C GLY A 19 -2.04 -20.30 -12.46
N GLU A 20 -1.26 -19.40 -13.05
CA GLU A 20 -1.82 -18.32 -13.82
C GLU A 20 -0.86 -17.97 -14.93
N PHE A 21 -1.40 -17.62 -16.09
CA PHE A 21 -0.60 -17.16 -17.22
C PHE A 21 -1.38 -16.01 -17.83
N MET A 22 -0.76 -14.84 -17.96
CA MET A 22 -1.47 -13.67 -18.45
C MET A 22 -0.53 -12.70 -19.13
N PHE A 23 -1.07 -11.86 -20.01
CA PHE A 23 -0.30 -10.74 -20.59
C PHE A 23 -0.90 -9.44 -20.06
N ASP A 24 -0.03 -8.49 -19.80
CA ASP A 24 -0.38 -7.23 -19.16
C ASP A 24 0.20 -6.15 -20.03
N PHE A 25 -0.57 -5.10 -20.26
CA PHE A 25 -0.10 -3.95 -21.04
C PHE A 25 -0.35 -2.68 -20.24
N ASP A 26 0.71 -1.98 -19.86
CA ASP A 26 0.61 -0.76 -19.05
C ASP A 26 -0.33 -0.96 -17.87
N GLY A 27 -0.30 -2.14 -17.25
CA GLY A 27 -1.11 -2.41 -16.07
C GLY A 27 -2.48 -3.05 -16.29
N ASP A 28 -2.93 -3.12 -17.53
CA ASP A 28 -4.21 -3.76 -17.82
C ASP A 28 -4.01 -5.18 -18.40
N GLU A 29 -4.87 -6.12 -18.01
CA GLU A 29 -4.83 -7.48 -18.57
C GLU A 29 -5.25 -7.47 -20.04
N ILE A 30 -4.40 -7.99 -20.92
CA ILE A 30 -4.80 -8.21 -22.30
C ILE A 30 -5.62 -9.48 -22.37
N PHE A 31 -5.06 -10.56 -21.84
CA PHE A 31 -5.76 -11.84 -21.76
C PHE A 31 -5.12 -12.71 -20.69
N HIS A 32 -5.79 -13.79 -20.31
CA HIS A 32 -5.13 -14.85 -19.53
C HIS A 32 -5.57 -16.19 -20.11
N VAL A 33 -4.88 -17.25 -19.70
CA VAL A 33 -5.34 -18.58 -20.07
C VAL A 33 -6.09 -19.24 -18.93
N ASP A 34 -7.34 -19.59 -19.17
CA ASP A 34 -8.15 -20.35 -18.21
C ASP A 34 -7.53 -21.74 -17.98
N MET A 35 -7.06 -22.01 -16.77
CA MET A 35 -6.47 -23.32 -16.46
C MET A 35 -7.48 -24.48 -16.51
N ALA A 36 -8.71 -24.21 -16.11
CA ALA A 36 -9.77 -25.21 -16.16
C ALA A 36 -10.13 -25.57 -17.60
N LYS A 37 -10.45 -24.56 -18.40
CA LYS A 37 -10.87 -24.78 -19.78
C LYS A 37 -9.72 -24.81 -20.78
N LYS A 38 -8.49 -24.54 -20.34
CA LYS A 38 -7.34 -24.53 -21.23
C LYS A 38 -7.55 -23.67 -22.50
N GLU A 39 -8.14 -22.50 -22.33
CA GLU A 39 -8.39 -21.63 -23.47
C GLU A 39 -8.03 -20.18 -23.17
N THR A 40 -7.69 -19.44 -24.21
CA THR A 40 -7.34 -18.05 -24.09
C THR A 40 -8.60 -17.25 -23.83
N VAL A 41 -8.58 -16.42 -22.78
CA VAL A 41 -9.71 -15.56 -22.44
C VAL A 41 -9.26 -14.10 -22.58
N TRP A 42 -9.84 -13.37 -23.54
CA TRP A 42 -9.46 -11.97 -23.77
C TRP A 42 -10.23 -11.08 -22.81
N ARG A 43 -9.53 -10.13 -22.20
CA ARG A 43 -10.14 -9.29 -21.17
C ARG A 43 -11.27 -8.46 -21.79
N LEU A 44 -11.05 -8.00 -23.02
CA LEU A 44 -12.09 -7.39 -23.83
C LEU A 44 -12.30 -8.23 -25.10
N GLU A 45 -13.55 -8.56 -25.40
CA GLU A 45 -13.86 -9.41 -26.56
C GLU A 45 -13.24 -8.97 -27.90
N GLU A 46 -13.24 -7.67 -28.19
CA GLU A 46 -12.69 -7.17 -29.47
C GLU A 46 -11.27 -7.62 -29.73
N PHE A 47 -10.53 -7.83 -28.66
CA PHE A 47 -9.13 -8.22 -28.76
C PHE A 47 -9.04 -9.54 -29.52
N GLY A 48 -9.93 -10.45 -29.16
CA GLY A 48 -10.01 -11.77 -29.75
C GLY A 48 -10.27 -11.80 -31.24
N ARG A 49 -11.01 -10.82 -31.73
CA ARG A 49 -11.28 -10.73 -33.16
C ARG A 49 -10.04 -10.33 -33.95
N PHE A 50 -9.07 -9.75 -33.27
CA PHE A 50 -7.94 -9.17 -33.97
C PHE A 50 -6.56 -9.72 -33.61
N ALA A 51 -6.53 -10.68 -32.68
CA ALA A 51 -5.27 -11.24 -32.21
C ALA A 51 -5.49 -12.70 -31.89
N SER A 52 -4.40 -13.46 -31.79
CA SER A 52 -4.55 -14.85 -31.42
C SER A 52 -3.39 -15.29 -30.54
N PHE A 53 -3.65 -16.30 -29.72
CA PHE A 53 -2.64 -16.84 -28.84
C PHE A 53 -2.93 -18.31 -28.58
N GLU A 54 -1.89 -19.13 -28.74
CA GLU A 54 -1.98 -20.57 -28.54
C GLU A 54 -1.99 -20.94 -27.05
N ALA A 55 -3.17 -21.28 -26.54
CA ALA A 55 -3.34 -21.56 -25.12
C ALA A 55 -2.43 -22.69 -24.65
N GLN A 56 -2.22 -23.68 -25.52
CA GLN A 56 -1.38 -24.83 -25.20
C GLN A 56 0.01 -24.46 -24.68
N GLY A 57 0.66 -23.48 -25.30
CA GLY A 57 1.97 -23.03 -24.89
C GLY A 57 2.08 -22.52 -23.46
N ALA A 58 1.00 -21.91 -22.99
CA ALA A 58 0.93 -21.40 -21.62
C ALA A 58 0.92 -22.53 -20.61
N LEU A 59 0.17 -23.59 -20.93
CA LEU A 59 0.09 -24.75 -20.05
C LEU A 59 1.44 -25.40 -19.88
N ALA A 60 2.21 -25.42 -20.97
CA ALA A 60 3.54 -25.97 -20.91
C ALA A 60 4.43 -25.09 -20.01
N ASN A 61 4.28 -23.78 -20.14
CA ASN A 61 4.98 -22.87 -19.24
C ASN A 61 4.58 -23.12 -17.76
N ILE A 62 3.29 -23.36 -17.52
CA ILE A 62 2.81 -23.58 -16.16
C ILE A 62 3.46 -24.85 -15.57
N ALA A 63 3.57 -25.88 -16.39
CA ALA A 63 4.24 -27.11 -15.96
C ALA A 63 5.66 -26.79 -15.55
N CYS A 64 6.35 -25.99 -16.35
CA CYS A 64 7.70 -25.54 -16.01
C CYS A 64 7.71 -24.70 -14.71
N ASP A 65 6.77 -23.77 -14.58
CA ASP A 65 6.63 -22.95 -13.36
C ASP A 65 6.48 -23.82 -12.11
N LYS A 66 5.66 -24.87 -12.21
CA LYS A 66 5.46 -25.76 -11.08
C LYS A 66 6.77 -26.45 -10.70
N ALA A 67 7.48 -26.93 -11.71
CA ALA A 67 8.77 -27.60 -11.50
C ALA A 67 9.75 -26.67 -10.80
N ASN A 68 9.80 -25.43 -11.28
CA ASN A 68 10.71 -24.45 -10.72
C ASN A 68 10.39 -24.10 -9.27
N LEU A 69 9.10 -24.05 -8.94
CA LEU A 69 8.66 -23.80 -7.58
C LEU A 69 9.19 -24.87 -6.63
N GLU A 70 9.00 -26.14 -7.00
CA GLU A 70 9.43 -27.26 -6.16
C GLU A 70 10.94 -27.27 -5.95
N ILE A 71 11.69 -26.95 -7.00
CA ILE A 71 13.12 -26.78 -6.84
C ILE A 71 13.44 -25.64 -5.87
N MET A 72 12.78 -24.49 -6.01
CA MET A 72 13.12 -23.36 -5.13
C MET A 72 12.69 -23.61 -3.70
N THR A 73 11.54 -24.27 -3.55
CA THR A 73 11.00 -24.62 -2.24
C THR A 73 12.07 -25.39 -1.45
N LYS A 74 12.62 -26.44 -2.05
CA LYS A 74 13.63 -27.26 -1.39
C LYS A 74 14.90 -26.47 -1.19
N ARG A 75 15.28 -25.73 -2.22
CA ARG A 75 16.51 -24.98 -2.19
C ARG A 75 16.51 -23.95 -1.06
N SER A 76 15.35 -23.38 -0.74
CA SER A 76 15.24 -22.34 0.29
C SER A 76 15.04 -22.97 1.65
N ASN A 77 15.09 -24.30 1.69
CA ASN A 77 14.79 -25.06 2.89
C ASN A 77 13.34 -24.82 3.35
N TYR A 78 12.41 -24.86 2.40
CA TYR A 78 10.99 -24.70 2.69
C TYR A 78 10.66 -23.40 3.45
N THR A 79 11.30 -22.31 3.04
CA THR A 79 10.91 -20.98 3.50
C THR A 79 9.57 -20.59 2.85
N PRO A 80 8.52 -20.46 3.66
CA PRO A 80 7.19 -20.12 3.13
C PRO A 80 7.06 -18.62 2.84
N ILE A 81 6.02 -18.24 2.10
CA ILE A 81 5.78 -16.83 1.82
C ILE A 81 5.24 -16.13 3.07
N THR A 82 5.58 -14.87 3.23
CA THR A 82 4.92 -14.04 4.23
C THR A 82 3.62 -13.46 3.65
N ASN A 83 2.50 -13.74 4.32
CA ASN A 83 1.22 -13.15 3.93
C ASN A 83 1.25 -11.63 3.97
N VAL A 84 0.73 -10.97 2.93
CA VAL A 84 0.63 -9.52 2.93
C VAL A 84 -0.82 -9.20 2.62
N PRO A 85 -1.54 -8.66 3.62
CA PRO A 85 -2.99 -8.48 3.47
C PRO A 85 -3.31 -7.42 2.44
N PRO A 86 -4.48 -7.51 1.80
CA PRO A 86 -4.84 -6.53 0.77
C PRO A 86 -5.38 -5.22 1.31
N GLU A 87 -5.11 -4.13 0.60
CA GLU A 87 -5.92 -2.93 0.69
C GLU A 87 -7.16 -3.13 -0.18
N VAL A 88 -8.30 -2.71 0.33
CA VAL A 88 -9.56 -2.88 -0.40
C VAL A 88 -10.30 -1.56 -0.52
N THR A 89 -10.79 -1.26 -1.72
CA THR A 89 -11.51 -0.04 -2.00
C THR A 89 -12.70 -0.39 -2.87
N VAL A 90 -13.86 0.19 -2.56
CA VAL A 90 -15.05 0.02 -3.39
C VAL A 90 -15.43 1.36 -4.01
N LEU A 91 -15.62 1.38 -5.33
CA LEU A 91 -16.01 2.62 -5.98
C LEU A 91 -16.95 2.32 -7.12
N THR A 92 -17.56 3.36 -7.70
CA THR A 92 -18.37 3.11 -8.87
C THR A 92 -17.58 3.45 -10.10
N ASN A 93 -18.09 2.97 -11.22
CA ASN A 93 -17.50 3.17 -12.52
C ASN A 93 -17.68 4.59 -13.05
N SER A 94 -18.76 5.25 -12.61
CA SER A 94 -19.10 6.60 -13.02
C SER A 94 -19.96 7.27 -11.96
N PRO A 95 -20.17 8.60 -12.07
CA PRO A 95 -20.99 9.24 -11.03
C PRO A 95 -22.36 8.60 -10.95
N VAL A 96 -22.85 8.48 -9.73
CA VAL A 96 -24.09 7.79 -9.48
C VAL A 96 -25.30 8.64 -9.87
N GLU A 97 -26.20 8.05 -10.64
CA GLU A 97 -27.50 8.66 -10.89
C GLU A 97 -28.50 7.62 -10.44
N LEU A 98 -29.37 8.01 -9.52
CA LEU A 98 -30.33 7.09 -8.93
C LEU A 98 -31.19 6.48 -10.01
N ARG A 99 -31.38 5.16 -9.93
CA ARG A 99 -32.21 4.42 -10.87
C ARG A 99 -31.62 4.34 -12.29
N GLU A 100 -30.33 4.68 -12.45
CA GLU A 100 -29.61 4.50 -13.73
C GLU A 100 -28.46 3.50 -13.57
N PRO A 101 -28.42 2.46 -14.43
CA PRO A 101 -27.43 1.38 -14.33
C PRO A 101 -26.00 1.89 -14.10
N ASN A 102 -25.26 1.17 -13.26
CA ASN A 102 -23.91 1.55 -12.97
C ASN A 102 -23.14 0.32 -12.55
N VAL A 103 -21.87 0.46 -12.17
CA VAL A 103 -21.07 -0.71 -11.79
C VAL A 103 -20.26 -0.43 -10.53
N LEU A 104 -20.37 -1.30 -9.53
CA LEU A 104 -19.52 -1.22 -8.34
C LEU A 104 -18.24 -1.98 -8.65
N ILE A 105 -17.12 -1.38 -8.30
CA ILE A 105 -15.80 -1.98 -8.48
C ILE A 105 -15.17 -2.25 -7.13
N CYS A 106 -14.83 -3.51 -6.86
CA CYS A 106 -14.05 -3.84 -5.67
C CYS A 106 -12.57 -3.96 -6.07
N PHE A 107 -11.78 -2.97 -5.65
CA PHE A 107 -10.40 -2.86 -6.00
C PHE A 107 -9.55 -3.39 -4.86
N ILE A 108 -8.85 -4.48 -5.14
CA ILE A 108 -8.05 -5.20 -4.15
C ILE A 108 -6.58 -5.09 -4.55
N ASP A 109 -5.75 -4.58 -3.64
CA ASP A 109 -4.40 -4.19 -4.04
C ASP A 109 -3.33 -4.57 -3.03
N LYS A 110 -2.12 -4.74 -3.56
CA LYS A 110 -0.92 -4.94 -2.75
C LYS A 110 -0.96 -6.13 -1.80
N PHE A 111 -1.30 -7.30 -2.32
CA PHE A 111 -1.35 -8.49 -1.48
C PHE A 111 -0.62 -9.68 -2.08
N THR A 112 -0.31 -10.65 -1.22
CA THR A 112 0.24 -11.93 -1.64
C THR A 112 0.04 -12.90 -0.47
N PRO A 113 -0.09 -14.21 -0.73
CA PRO A 113 -0.12 -14.92 -2.01
C PRO A 113 -1.40 -14.58 -2.76
N PRO A 114 -1.47 -14.93 -4.05
CA PRO A 114 -2.65 -14.64 -4.90
C PRO A 114 -3.81 -15.61 -4.67
N VAL A 115 -4.42 -15.51 -3.50
CA VAL A 115 -5.61 -16.29 -3.20
C VAL A 115 -6.49 -15.38 -2.37
N VAL A 116 -7.72 -15.16 -2.84
CA VAL A 116 -8.71 -14.39 -2.11
C VAL A 116 -10.08 -14.99 -2.35
N ASN A 117 -10.91 -14.88 -1.32
CA ASN A 117 -12.35 -15.13 -1.44
C ASN A 117 -13.06 -13.79 -1.45
N VAL A 118 -13.79 -13.51 -2.51
CA VAL A 118 -14.49 -12.24 -2.63
C VAL A 118 -15.98 -12.50 -2.81
N THR A 119 -16.79 -11.87 -1.96
CA THR A 119 -18.24 -11.98 -2.07
C THR A 119 -18.88 -10.59 -2.09
N TRP A 120 -19.74 -10.36 -3.06
CA TRP A 120 -20.55 -9.14 -3.10
C TRP A 120 -21.77 -9.36 -2.21
N LEU A 121 -22.05 -8.40 -1.32
CA LEU A 121 -23.22 -8.47 -0.45
C LEU A 121 -24.16 -7.30 -0.74
N ARG A 122 -25.42 -7.59 -1.03
CA ARG A 122 -26.45 -6.56 -1.16
C ARG A 122 -27.39 -6.68 0.01
N ASN A 123 -27.42 -5.65 0.85
CA ASN A 123 -28.22 -5.69 2.07
C ASN A 123 -27.93 -6.95 2.89
N GLY A 124 -26.66 -7.35 2.93
CA GLY A 124 -26.24 -8.46 3.74
C GLY A 124 -26.35 -9.82 3.07
N LYS A 125 -26.93 -9.87 1.89
CA LYS A 125 -27.10 -11.15 1.18
C LYS A 125 -26.22 -11.24 -0.08
N PRO A 126 -25.65 -12.43 -0.32
CA PRO A 126 -24.76 -12.60 -1.47
C PRO A 126 -25.50 -12.42 -2.79
N VAL A 127 -24.85 -11.76 -3.73
CA VAL A 127 -25.41 -11.56 -5.05
C VAL A 127 -24.35 -12.03 -6.06
N THR A 128 -24.80 -12.72 -7.11
CA THR A 128 -23.89 -13.23 -8.13
C THR A 128 -24.26 -12.80 -9.54
N THR A 129 -25.39 -12.12 -9.69
CA THR A 129 -25.88 -11.80 -11.02
C THR A 129 -25.03 -10.78 -11.75
N GLY A 130 -24.51 -11.18 -12.91
CA GLY A 130 -23.73 -10.28 -13.73
C GLY A 130 -22.35 -9.95 -13.19
N VAL A 131 -21.99 -10.52 -12.04
CA VAL A 131 -20.68 -10.24 -11.45
C VAL A 131 -19.57 -10.76 -12.35
N SER A 132 -18.41 -10.13 -12.28
CA SER A 132 -17.26 -10.60 -13.02
C SER A 132 -15.99 -10.18 -12.28
N GLU A 133 -14.85 -10.57 -12.83
CA GLU A 133 -13.59 -10.30 -12.16
C GLU A 133 -12.42 -10.43 -13.11
N THR A 134 -11.31 -9.83 -12.74
CA THR A 134 -10.08 -10.03 -13.46
C THR A 134 -9.35 -11.16 -12.77
N VAL A 135 -8.30 -11.67 -13.39
CA VAL A 135 -7.39 -12.54 -12.68
C VAL A 135 -6.47 -11.68 -11.82
N PHE A 136 -5.46 -12.29 -11.20
CA PHE A 136 -4.51 -11.51 -10.43
C PHE A 136 -3.54 -10.74 -11.35
N LEU A 137 -3.44 -9.43 -11.14
CA LEU A 137 -2.57 -8.60 -11.96
C LEU A 137 -1.26 -8.41 -11.24
N PRO A 138 -0.15 -8.44 -11.98
CA PRO A 138 1.19 -8.34 -11.38
C PRO A 138 1.52 -6.90 -11.01
N ARG A 139 2.36 -6.73 -9.98
CA ARG A 139 2.82 -5.43 -9.52
C ARG A 139 4.33 -5.48 -9.49
N GLU A 140 4.98 -4.31 -9.59
CA GLU A 140 6.45 -4.25 -9.56
C GLU A 140 7.09 -4.69 -8.25
N ASP A 141 6.35 -4.63 -7.15
CA ASP A 141 6.86 -5.13 -5.88
C ASP A 141 6.55 -6.62 -5.72
N HIS A 142 5.97 -7.22 -6.77
CA HIS A 142 5.70 -8.67 -6.83
C HIS A 142 4.55 -9.13 -5.96
N LEU A 143 3.79 -8.15 -5.48
CA LEU A 143 2.49 -8.38 -4.89
C LEU A 143 1.48 -8.43 -6.04
N PHE A 144 0.19 -8.51 -5.70
CA PHE A 144 -0.85 -8.63 -6.71
C PHE A 144 -1.93 -7.54 -6.57
N ARG A 145 -2.66 -7.35 -7.67
CA ARG A 145 -3.83 -6.49 -7.72
C ARG A 145 -4.97 -7.31 -8.32
N LYS A 146 -6.22 -7.00 -7.98
CA LYS A 146 -7.37 -7.74 -8.53
C LYS A 146 -8.62 -6.85 -8.49
N PHE A 147 -9.51 -7.01 -9.47
CA PHE A 147 -10.75 -6.24 -9.52
C PHE A 147 -11.93 -7.17 -9.56
N HIS A 148 -12.96 -6.87 -8.79
CA HIS A 148 -14.26 -7.52 -8.94
C HIS A 148 -15.33 -6.50 -9.28
N TYR A 149 -16.36 -6.94 -9.99
CA TYR A 149 -17.36 -6.02 -10.51
C TYR A 149 -18.77 -6.54 -10.23
N LEU A 150 -19.66 -5.60 -9.90
CA LEU A 150 -21.08 -5.84 -9.69
C LEU A 150 -21.92 -4.76 -10.38
N PRO A 151 -22.54 -5.10 -11.52
CA PRO A 151 -23.50 -4.19 -12.15
C PRO A 151 -24.62 -4.01 -11.18
N PHE A 152 -25.16 -2.81 -11.07
CA PHE A 152 -26.25 -2.61 -10.12
C PHE A 152 -27.05 -1.41 -10.53
N LEU A 153 -28.22 -1.25 -9.91
CA LEU A 153 -29.06 -0.09 -10.16
C LEU A 153 -29.10 0.72 -8.87
N PRO A 154 -28.43 1.88 -8.88
CA PRO A 154 -28.31 2.69 -7.66
C PRO A 154 -29.67 3.13 -7.13
N SER A 155 -29.81 3.06 -5.81
CA SER A 155 -31.04 3.40 -5.14
C SER A 155 -30.68 3.85 -3.72
N THR A 156 -31.50 4.71 -3.13
CA THR A 156 -31.28 5.12 -1.73
C THR A 156 -31.60 3.98 -0.76
N GLU A 157 -32.16 2.89 -1.26
CA GLU A 157 -32.70 1.84 -0.41
C GLU A 157 -31.76 0.67 -0.12
N ASP A 158 -30.72 0.51 -0.94
CA ASP A 158 -29.82 -0.63 -0.81
C ASP A 158 -28.45 -0.25 -0.24
N VAL A 159 -27.84 -1.15 0.51
CA VAL A 159 -26.41 -0.99 0.83
C VAL A 159 -25.63 -2.18 0.27
N TYR A 160 -24.34 -1.94 0.01
CA TYR A 160 -23.48 -2.95 -0.57
C TYR A 160 -22.19 -3.08 0.23
N ASP A 161 -21.62 -4.29 0.23
CA ASP A 161 -20.28 -4.52 0.73
C ASP A 161 -19.53 -5.45 -0.18
N CYS A 162 -18.23 -5.21 -0.33
CA CYS A 162 -17.34 -6.21 -0.91
C CYS A 162 -16.68 -6.93 0.26
N ARG A 163 -16.94 -8.23 0.41
CA ARG A 163 -16.36 -8.97 1.53
C ARG A 163 -15.15 -9.72 1.02
N VAL A 164 -14.00 -9.44 1.61
CA VAL A 164 -12.74 -10.00 1.14
C VAL A 164 -12.07 -10.81 2.24
N GLU A 165 -11.75 -12.05 1.92
CA GLU A 165 -10.99 -12.91 2.84
C GLU A 165 -9.61 -13.21 2.26
N HIS A 166 -8.59 -13.13 3.11
CA HIS A 166 -7.19 -13.37 2.73
C HIS A 166 -6.47 -13.86 3.97
N TRP A 167 -5.49 -14.74 3.78
CA TRP A 167 -4.77 -15.31 4.93
C TRP A 167 -4.03 -14.24 5.75
N GLY A 168 -3.72 -13.10 5.14
CA GLY A 168 -3.04 -12.03 5.86
C GLY A 168 -3.93 -11.21 6.76
N LEU A 169 -5.24 -11.39 6.64
CA LEU A 169 -6.22 -10.65 7.45
C LEU A 169 -6.59 -11.45 8.69
N ASP A 170 -6.89 -10.76 9.78
CA ASP A 170 -7.36 -11.43 10.99
C ASP A 170 -8.82 -11.86 10.90
N GLU A 171 -9.59 -11.11 10.12
CA GLU A 171 -11.01 -11.38 10.00
C GLU A 171 -11.38 -11.04 8.56
N PRO A 172 -12.56 -11.45 8.09
CA PRO A 172 -12.98 -10.97 6.77
C PRO A 172 -13.06 -9.44 6.79
N LEU A 173 -12.69 -8.83 5.67
CA LEU A 173 -12.72 -7.39 5.54
C LEU A 173 -13.95 -7.01 4.70
N LEU A 174 -14.88 -6.27 5.29
CA LEU A 174 -16.01 -5.74 4.51
C LEU A 174 -15.79 -4.30 4.13
N LYS A 175 -15.74 -4.01 2.83
CA LYS A 175 -15.66 -2.64 2.35
C LYS A 175 -17.03 -2.22 1.86
N HIS A 176 -17.54 -1.13 2.41
CA HIS A 176 -18.96 -0.76 2.32
C HIS A 176 -19.21 0.31 1.24
N TRP A 177 -20.37 0.25 0.61
CA TRP A 177 -20.78 1.33 -0.28
C TRP A 177 -22.29 1.52 -0.17
N GLU A 178 -22.71 2.78 -0.08
CA GLU A 178 -24.11 3.13 -0.16
C GLU A 178 -24.16 4.52 -0.74
N PHE A 179 -25.32 4.93 -1.27
CA PHE A 179 -25.43 6.23 -1.89
C PHE A 179 -25.40 7.31 -0.84
N ASP A 180 -24.64 8.37 -1.09
CA ASP A 180 -24.67 9.53 -0.19
C ASP A 180 -24.88 10.84 -0.95
N ASP B 1 -7.17 -22.41 5.89
CA ASP B 1 -6.24 -23.27 6.61
C ASP B 1 -4.92 -22.54 6.92
N THR B 2 -4.02 -23.23 7.60
CA THR B 2 -2.80 -22.59 8.06
C THR B 2 -1.56 -23.15 7.39
N ARG B 3 -1.76 -24.09 6.47
CA ARG B 3 -0.64 -24.68 5.75
C ARG B 3 0.22 -23.58 5.14
N PRO B 4 1.55 -23.72 5.22
CA PRO B 4 2.46 -22.73 4.63
C PRO B 4 2.33 -22.70 3.11
N ARG B 5 2.52 -21.54 2.50
CA ARG B 5 2.43 -21.43 1.05
C ARG B 5 3.77 -21.14 0.44
N PHE B 6 3.97 -21.63 -0.78
CA PHE B 6 5.20 -21.40 -1.49
C PHE B 6 4.85 -20.89 -2.90
N LEU B 7 5.41 -19.75 -3.29
CA LEU B 7 4.96 -19.10 -4.52
C LEU B 7 6.10 -18.87 -5.49
N TRP B 8 5.83 -19.18 -6.76
CA TRP B 8 6.74 -18.92 -7.84
C TRP B 8 6.14 -17.98 -8.88
N GLN B 9 6.90 -16.98 -9.32
CA GLN B 9 6.46 -16.14 -10.42
C GLN B 9 7.53 -16.05 -11.49
N LEU B 10 7.08 -15.85 -12.72
CA LEU B 10 7.95 -15.59 -13.84
C LEU B 10 7.38 -14.42 -14.62
N LYS B 11 8.23 -13.44 -14.93
CA LYS B 11 7.77 -12.27 -15.66
C LYS B 11 8.74 -11.96 -16.80
N PHE B 12 8.19 -11.74 -17.99
CA PHE B 12 8.97 -11.23 -19.09
C PHE B 12 8.44 -9.85 -19.38
N GLU B 13 9.27 -8.85 -19.17
CA GLU B 13 8.85 -7.47 -19.31
C GLU B 13 9.54 -6.80 -20.49
N CYS B 14 8.75 -6.35 -21.46
CA CYS B 14 9.27 -5.60 -22.60
C CYS B 14 8.99 -4.10 -22.37
N HIS B 15 10.05 -3.31 -22.26
CA HIS B 15 9.96 -1.89 -21.96
C HIS B 15 10.30 -1.14 -23.23
N PHE B 16 9.40 -0.26 -23.66
CA PHE B 16 9.51 0.42 -24.95
C PHE B 16 9.73 1.92 -24.78
N PHE B 17 10.70 2.46 -25.50
CA PHE B 17 11.00 3.89 -25.48
C PHE B 17 10.97 4.41 -26.91
N ASN B 18 10.38 5.59 -27.10
CA ASN B 18 10.33 6.23 -28.42
C ASN B 18 9.77 5.28 -29.49
N GLY B 19 8.53 4.86 -29.31
CA GLY B 19 7.96 3.85 -30.20
C GLY B 19 8.63 2.51 -29.90
N THR B 20 9.28 1.92 -30.89
CA THR B 20 10.09 0.73 -30.66
C THR B 20 11.57 0.94 -31.00
N GLU B 21 11.98 2.20 -31.01
CA GLU B 21 13.38 2.51 -31.30
C GLU B 21 14.31 1.95 -30.23
N ARG B 22 13.88 2.04 -28.98
CA ARG B 22 14.65 1.48 -27.88
C ARG B 22 13.81 0.50 -27.10
N VAL B 23 14.27 -0.74 -27.00
CA VAL B 23 13.51 -1.78 -26.34
C VAL B 23 14.39 -2.45 -25.31
N ARG B 24 13.87 -2.65 -24.11
CA ARG B 24 14.61 -3.38 -23.09
C ARG B 24 13.76 -4.52 -22.56
N LEU B 25 14.32 -5.73 -22.59
CA LEU B 25 13.62 -6.91 -22.09
C LEU B 25 14.17 -7.32 -20.73
N LEU B 26 13.26 -7.55 -19.79
CA LEU B 26 13.61 -7.99 -18.45
C LEU B 26 12.90 -9.29 -18.13
N GLU B 27 13.67 -10.36 -17.97
CA GLU B 27 13.11 -11.66 -17.62
C GLU B 27 13.43 -11.96 -16.16
N ARG B 28 12.42 -12.30 -15.37
CA ARG B 28 12.61 -12.37 -13.93
C ARG B 28 11.93 -13.55 -13.28
N SER B 29 12.67 -14.26 -12.45
CA SER B 29 12.17 -15.33 -11.62
C SER B 29 12.05 -14.79 -10.20
N ILE B 30 10.92 -15.06 -9.56
CA ILE B 30 10.65 -14.55 -8.22
C ILE B 30 10.12 -15.68 -7.36
N TYR B 31 10.78 -15.90 -6.23
CA TYR B 31 10.33 -16.89 -5.28
C TYR B 31 9.71 -16.15 -4.11
N ASN B 32 8.45 -16.47 -3.81
CA ASN B 32 7.71 -15.76 -2.78
C ASN B 32 7.63 -14.26 -3.12
N GLN B 33 8.43 -13.44 -2.44
CA GLN B 33 8.51 -12.03 -2.81
C GLN B 33 9.92 -11.58 -3.24
N GLU B 34 10.83 -12.52 -3.41
CA GLU B 34 12.19 -12.14 -3.76
C GLU B 34 12.56 -12.60 -5.17
N GLU B 35 13.00 -11.65 -5.99
CA GLU B 35 13.54 -11.95 -7.30
C GLU B 35 14.85 -12.69 -7.13
N SER B 36 15.02 -13.82 -7.81
CA SER B 36 16.24 -14.62 -7.62
C SER B 36 17.24 -14.50 -8.77
N VAL B 37 16.75 -14.58 -9.99
CA VAL B 37 17.63 -14.46 -11.15
C VAL B 37 16.94 -13.67 -12.27
N ARG B 38 17.72 -12.94 -13.07
CA ARG B 38 17.16 -12.17 -14.16
C ARG B 38 17.99 -12.20 -15.45
N PHE B 39 17.32 -12.07 -16.59
CA PHE B 39 18.02 -11.69 -17.82
C PHE B 39 17.62 -10.27 -18.21
N ASP B 40 18.60 -9.39 -18.32
CA ASP B 40 18.39 -8.01 -18.72
C ASP B 40 19.08 -7.84 -20.08
N SER B 41 18.33 -7.51 -21.12
CA SER B 41 18.93 -7.41 -22.44
C SER B 41 20.02 -6.35 -22.51
N ASP B 42 19.95 -5.35 -21.63
CA ASP B 42 21.02 -4.36 -21.57
C ASP B 42 22.31 -4.94 -20.97
N VAL B 43 22.19 -6.10 -20.33
CA VAL B 43 23.38 -6.74 -19.75
C VAL B 43 23.87 -7.83 -20.69
N GLY B 44 22.94 -8.66 -21.17
CA GLY B 44 23.28 -9.64 -22.19
C GLY B 44 23.48 -11.05 -21.70
N GLU B 45 23.38 -11.27 -20.40
CA GLU B 45 23.46 -12.63 -19.87
C GLU B 45 22.66 -12.66 -18.59
N TYR B 46 22.37 -13.86 -18.08
CA TYR B 46 21.69 -13.97 -16.80
C TYR B 46 22.54 -13.54 -15.62
N ARG B 47 21.91 -12.87 -14.65
CA ARG B 47 22.56 -12.49 -13.39
C ARG B 47 21.71 -12.91 -12.19
N ALA B 48 22.37 -13.50 -11.20
CA ALA B 48 21.71 -13.84 -9.95
C ALA B 48 21.42 -12.55 -9.21
N VAL B 49 20.22 -12.45 -8.67
CA VAL B 49 19.84 -11.31 -7.86
C VAL B 49 20.05 -11.65 -6.38
N THR B 50 19.49 -12.77 -5.95
CA THR B 50 19.79 -13.31 -4.62
C THR B 50 20.71 -14.52 -4.75
N GLU B 51 21.24 -14.99 -3.62
CA GLU B 51 22.16 -16.12 -3.58
C GLU B 51 21.52 -17.40 -4.13
N LEU B 52 20.23 -17.58 -3.88
CA LEU B 52 19.53 -18.76 -4.33
C LEU B 52 19.48 -18.90 -5.85
N GLY B 53 19.67 -17.78 -6.56
CA GLY B 53 19.61 -17.75 -8.01
C GLY B 53 20.92 -18.05 -8.72
N ARG B 54 21.98 -18.14 -7.94
CA ARG B 54 23.32 -18.37 -8.50
C ARG B 54 23.43 -19.62 -9.38
N PRO B 55 22.90 -20.78 -8.95
CA PRO B 55 23.05 -21.95 -9.82
C PRO B 55 22.33 -21.82 -11.17
N ASP B 56 21.22 -21.08 -11.20
CA ASP B 56 20.43 -20.97 -12.42
C ASP B 56 21.11 -20.08 -13.43
N ALA B 57 21.64 -18.96 -12.97
CA ALA B 57 22.40 -18.07 -13.83
C ALA B 57 23.60 -18.80 -14.45
N GLU B 58 24.35 -19.53 -13.61
CA GLU B 58 25.53 -20.26 -14.09
C GLU B 58 25.14 -21.33 -15.11
N TYR B 59 24.06 -22.04 -14.83
CA TYR B 59 23.62 -23.10 -15.72
C TYR B 59 23.15 -22.53 -17.06
N TRP B 60 22.27 -21.54 -17.02
CA TRP B 60 21.73 -20.98 -18.26
C TRP B 60 22.78 -20.26 -19.11
N ASN B 61 23.67 -19.53 -18.45
CA ASN B 61 24.72 -18.82 -19.16
C ASN B 61 25.70 -19.73 -19.87
N SER B 62 25.68 -21.02 -19.55
CA SER B 62 26.59 -21.97 -20.18
C SER B 62 26.03 -22.48 -21.49
N GLN B 63 24.78 -22.14 -21.77
CA GLN B 63 24.11 -22.62 -22.96
C GLN B 63 23.95 -21.52 -24.03
N LYS B 64 24.78 -21.61 -25.06
CA LYS B 64 24.89 -20.62 -26.14
C LYS B 64 23.56 -20.37 -26.85
N ASP B 65 22.79 -21.45 -27.05
CA ASP B 65 21.52 -21.37 -27.74
C ASP B 65 20.52 -20.51 -26.98
N LEU B 66 20.43 -20.72 -25.66
CA LEU B 66 19.55 -19.93 -24.82
C LEU B 66 19.94 -18.46 -24.90
N LEU B 67 21.22 -18.17 -24.70
CA LEU B 67 21.69 -16.80 -24.66
C LEU B 67 21.38 -16.11 -25.99
N GLU B 68 21.59 -16.82 -27.09
CA GLU B 68 21.28 -16.24 -28.40
C GLU B 68 19.78 -15.98 -28.57
N GLN B 69 18.92 -16.93 -28.20
CA GLN B 69 17.47 -16.68 -28.22
C GLN B 69 17.12 -15.45 -27.38
N ARG B 70 17.59 -15.43 -26.15
CA ARG B 70 17.26 -14.34 -25.24
C ARG B 70 17.74 -12.99 -25.78
N ARG B 71 18.91 -12.97 -26.40
CA ARG B 71 19.49 -11.74 -26.91
C ARG B 71 18.80 -11.19 -28.15
N ALA B 72 18.15 -12.07 -28.90
CA ALA B 72 17.39 -11.65 -30.09
C ALA B 72 15.94 -11.36 -29.70
N ALA B 73 15.56 -11.72 -28.47
CA ALA B 73 14.17 -11.64 -28.06
C ALA B 73 13.59 -10.21 -28.09
N VAL B 74 14.42 -9.19 -27.95
CA VAL B 74 13.89 -7.83 -28.04
C VAL B 74 13.27 -7.64 -29.44
N ASP B 75 13.72 -8.44 -30.41
CA ASP B 75 13.15 -8.41 -31.78
C ASP B 75 12.06 -9.46 -31.95
N THR B 76 12.38 -10.73 -31.71
CA THR B 76 11.43 -11.81 -32.03
C THR B 76 10.25 -11.85 -31.06
N TYR B 77 10.40 -11.21 -29.91
CA TYR B 77 9.37 -11.25 -28.88
C TYR B 77 8.76 -9.88 -28.62
N CYS B 78 9.56 -8.95 -28.10
CA CYS B 78 9.06 -7.62 -27.70
C CYS B 78 8.52 -6.82 -28.90
N ARG B 79 9.36 -6.57 -29.90
CA ARG B 79 8.94 -5.79 -31.07
C ARG B 79 7.81 -6.47 -31.82
N HIS B 80 7.88 -7.80 -31.90
CA HIS B 80 6.82 -8.55 -32.55
C HIS B 80 5.46 -8.37 -31.88
N ASN B 81 5.42 -8.53 -30.56
CA ASN B 81 4.14 -8.39 -29.84
C ASN B 81 3.61 -6.96 -29.85
N TYR B 82 4.52 -6.00 -29.77
CA TYR B 82 4.13 -4.60 -29.86
C TYR B 82 3.46 -4.40 -31.20
N GLY B 83 4.08 -4.93 -32.25
CA GLY B 83 3.55 -4.77 -33.60
C GLY B 83 2.17 -5.39 -33.80
N VAL B 84 1.99 -6.65 -33.40
CA VAL B 84 0.70 -7.31 -33.62
C VAL B 84 -0.37 -6.72 -32.69
N GLY B 85 0.05 -6.23 -31.53
CA GLY B 85 -0.90 -5.70 -30.55
C GLY B 85 -1.18 -4.21 -30.69
N GLU B 86 -0.38 -3.53 -31.51
CA GLU B 86 -0.36 -2.07 -31.58
C GLU B 86 -1.74 -1.39 -31.71
N SER B 87 -2.55 -1.86 -32.64
CA SER B 87 -3.80 -1.16 -32.96
C SER B 87 -4.77 -1.10 -31.79
N PHE B 88 -4.75 -2.09 -30.90
CA PHE B 88 -5.77 -2.11 -29.86
C PHE B 88 -5.25 -1.85 -28.44
N THR B 89 -3.96 -1.60 -28.33
CA THR B 89 -3.35 -1.31 -27.05
C THR B 89 -2.67 0.06 -27.09
N VAL B 90 -1.49 0.09 -27.71
CA VAL B 90 -0.73 1.33 -27.89
C VAL B 90 -1.58 2.44 -28.47
N GLN B 91 -2.36 2.11 -29.49
CA GLN B 91 -3.14 3.14 -30.17
C GLN B 91 -4.57 3.27 -29.65
N ARG B 92 -4.90 2.53 -28.60
CA ARG B 92 -6.24 2.65 -28.04
C ARG B 92 -6.48 4.05 -27.44
N ARG B 93 -7.60 4.65 -27.86
CA ARG B 93 -7.99 5.97 -27.38
C ARG B 93 -9.51 6.00 -27.18
N VAL B 94 -9.92 6.31 -25.95
CA VAL B 94 -11.34 6.41 -25.62
C VAL B 94 -11.53 7.75 -24.93
N GLU B 95 -12.48 8.53 -25.42
CA GLU B 95 -12.68 9.88 -24.95
C GLU B 95 -13.31 9.87 -23.55
N PRO B 96 -12.82 10.74 -22.66
CA PRO B 96 -13.40 10.82 -21.32
C PRO B 96 -14.83 11.39 -21.33
N LYS B 97 -15.66 10.93 -20.42
CA LYS B 97 -16.92 11.62 -20.11
C LYS B 97 -16.67 12.58 -18.95
N VAL B 98 -16.99 13.85 -19.15
CA VAL B 98 -16.68 14.87 -18.16
C VAL B 98 -17.94 15.47 -17.57
N THR B 99 -18.06 15.38 -16.24
CA THR B 99 -19.21 15.95 -15.54
C THR B 99 -18.77 16.73 -14.30
N VAL B 100 -19.42 17.85 -14.07
CA VAL B 100 -19.11 18.74 -12.96
C VAL B 100 -20.31 18.91 -12.06
N TYR B 101 -20.10 18.82 -10.74
CA TYR B 101 -21.16 18.99 -9.77
C TYR B 101 -20.58 19.37 -8.42
N PRO B 102 -21.37 20.10 -7.61
CA PRO B 102 -20.95 20.43 -6.25
C PRO B 102 -21.02 19.19 -5.39
N SER B 103 -20.06 19.00 -4.50
CA SER B 103 -20.08 17.81 -3.65
C SER B 103 -21.30 17.85 -2.75
N LYS B 104 -21.69 19.05 -2.33
CA LYS B 104 -22.83 19.22 -1.46
C LYS B 104 -23.60 20.47 -1.85
N THR B 105 -24.85 20.55 -1.42
CA THR B 105 -25.66 21.69 -1.78
C THR B 105 -25.47 22.74 -0.69
N GLN B 106 -24.54 23.67 -0.94
CA GLN B 106 -24.25 24.73 0.02
C GLN B 106 -24.69 26.07 -0.56
N PRO B 107 -24.99 27.04 0.32
CA PRO B 107 -25.29 28.39 -0.14
C PRO B 107 -24.07 29.07 -0.73
N LEU B 108 -24.31 30.08 -1.56
CA LEU B 108 -23.25 30.90 -2.08
C LEU B 108 -22.43 31.43 -0.91
N GLN B 109 -21.15 31.67 -1.18
CA GLN B 109 -20.23 32.28 -0.22
C GLN B 109 -19.82 31.32 0.90
N HIS B 110 -20.38 30.11 0.85
CA HIS B 110 -19.98 29.04 1.76
C HIS B 110 -18.95 28.12 1.09
N HIS B 111 -18.00 27.59 1.85
CA HIS B 111 -17.00 26.69 1.29
C HIS B 111 -17.69 25.46 0.70
N ASN B 112 -17.17 24.96 -0.41
CA ASN B 112 -17.74 23.77 -1.03
C ASN B 112 -16.66 23.09 -1.84
N LEU B 113 -16.91 21.85 -2.24
CA LEU B 113 -16.04 21.13 -3.16
C LEU B 113 -16.72 20.97 -4.51
N LEU B 114 -16.14 21.59 -5.54
CA LEU B 114 -16.66 21.46 -6.88
C LEU B 114 -15.96 20.28 -7.56
N VAL B 115 -16.71 19.26 -7.90
CA VAL B 115 -16.14 18.02 -8.39
C VAL B 115 -16.13 17.99 -9.93
N CYS B 116 -14.96 17.78 -10.50
CA CYS B 116 -14.87 17.47 -11.92
C CYS B 116 -14.58 16.00 -12.07
N SER B 117 -15.60 15.26 -12.49
CA SER B 117 -15.49 13.84 -12.66
C SER B 117 -15.14 13.56 -14.10
N VAL B 118 -14.04 12.86 -14.31
CA VAL B 118 -13.57 12.58 -15.66
C VAL B 118 -13.43 11.06 -15.75
N SER B 119 -14.28 10.42 -16.53
CA SER B 119 -14.38 8.97 -16.44
C SER B 119 -14.39 8.25 -17.78
N GLY B 120 -14.06 6.97 -17.76
CA GLY B 120 -14.21 6.09 -18.93
C GLY B 120 -13.16 6.27 -20.01
N PHE B 121 -12.01 6.87 -19.69
CA PHE B 121 -11.03 7.22 -20.70
C PHE B 121 -9.84 6.28 -20.82
N TYR B 122 -9.17 6.35 -21.96
CA TYR B 122 -7.95 5.60 -22.20
C TYR B 122 -7.18 6.35 -23.29
N PRO B 123 -5.86 6.48 -23.14
CA PRO B 123 -5.04 5.95 -22.05
C PRO B 123 -5.02 6.85 -20.82
N GLY B 124 -4.15 6.52 -19.88
CA GLY B 124 -4.12 7.19 -18.59
C GLY B 124 -3.64 8.64 -18.58
N SER B 125 -2.69 8.96 -19.46
CA SER B 125 -2.14 10.30 -19.53
C SER B 125 -3.25 11.34 -19.80
N ILE B 126 -3.33 12.34 -18.93
CA ILE B 126 -4.44 13.29 -18.98
C ILE B 126 -4.08 14.54 -18.19
N GLU B 127 -4.66 15.67 -18.58
CA GLU B 127 -4.47 16.90 -17.80
C GLU B 127 -5.82 17.50 -17.47
N VAL B 128 -6.07 17.75 -16.20
CA VAL B 128 -7.35 18.31 -15.78
C VAL B 128 -7.04 19.57 -15.00
N ARG B 129 -7.57 20.70 -15.47
CA ARG B 129 -7.29 21.99 -14.86
C ARG B 129 -8.60 22.69 -14.53
N TRP B 130 -8.57 23.51 -13.49
CA TRP B 130 -9.75 24.27 -13.06
C TRP B 130 -9.50 25.76 -13.32
N PHE B 131 -10.54 26.45 -13.76
CA PHE B 131 -10.49 27.90 -13.99
C PHE B 131 -11.62 28.59 -13.27
N ARG B 132 -11.34 29.76 -12.72
CA ARG B 132 -12.41 30.57 -12.13
C ARG B 132 -12.46 31.87 -12.92
N ASN B 133 -13.61 32.12 -13.54
CA ASN B 133 -13.73 33.25 -14.47
C ASN B 133 -12.55 33.36 -15.44
N GLY B 134 -12.23 32.25 -16.13
CA GLY B 134 -11.17 32.21 -17.14
C GLY B 134 -9.75 32.18 -16.63
N GLN B 135 -9.58 32.17 -15.30
CA GLN B 135 -8.25 32.13 -14.71
C GLN B 135 -7.90 30.84 -14.01
N GLU B 136 -6.67 30.33 -14.20
CA GLU B 136 -6.36 29.01 -13.68
C GLU B 136 -6.22 29.05 -12.17
N GLU B 137 -6.94 28.15 -11.52
CA GLU B 137 -6.87 27.95 -10.09
C GLU B 137 -5.83 26.88 -9.81
N LYS B 138 -4.70 27.27 -9.24
CA LYS B 138 -3.67 26.29 -8.90
C LYS B 138 -3.83 25.72 -7.48
N ALA B 139 -4.35 26.55 -6.58
CA ALA B 139 -4.48 26.14 -5.18
C ALA B 139 -5.83 25.50 -4.93
N GLY B 140 -5.96 24.79 -3.82
CA GLY B 140 -7.23 24.22 -3.41
C GLY B 140 -7.75 23.12 -4.34
N VAL B 141 -6.85 22.50 -5.10
CA VAL B 141 -7.23 21.38 -5.96
C VAL B 141 -6.96 20.05 -5.26
N VAL B 142 -8.03 19.29 -5.03
CA VAL B 142 -7.93 18.01 -4.35
C VAL B 142 -8.24 16.91 -5.35
N SER B 143 -7.20 16.16 -5.74
CA SER B 143 -7.32 15.14 -6.79
C SER B 143 -7.13 13.71 -6.28
N THR B 144 -7.92 12.78 -6.82
CA THR B 144 -7.71 11.37 -6.52
C THR B 144 -6.48 10.84 -7.24
N GLY B 145 -5.97 11.60 -8.19
CA GLY B 145 -5.02 11.04 -9.14
C GLY B 145 -5.71 10.06 -10.07
N LEU B 146 -4.89 9.31 -10.81
CA LEU B 146 -5.39 8.39 -11.83
C LEU B 146 -5.91 7.08 -11.22
N ILE B 147 -7.13 6.73 -11.53
CA ILE B 147 -7.70 5.50 -11.01
C ILE B 147 -7.91 4.50 -12.13
N GLN B 148 -7.27 3.34 -12.02
CA GLN B 148 -7.38 2.30 -13.02
C GLN B 148 -8.59 1.45 -12.73
N ASN B 149 -9.52 1.32 -13.67
CA ASN B 149 -10.76 0.56 -13.41
C ASN B 149 -10.61 -0.96 -13.64
N GLY B 150 -9.57 -1.36 -14.35
CA GLY B 150 -9.27 -2.77 -14.57
C GLY B 150 -9.93 -3.30 -15.84
N ASP B 151 -10.66 -2.43 -16.53
CA ASP B 151 -11.37 -2.81 -17.74
C ASP B 151 -10.92 -1.97 -18.95
N TRP B 152 -9.67 -1.54 -18.95
CA TRP B 152 -9.12 -0.69 -20.02
C TRP B 152 -9.81 0.66 -20.09
N THR B 153 -10.23 1.15 -18.92
CA THR B 153 -10.58 2.56 -18.74
C THR B 153 -9.99 3.09 -17.42
N PHE B 154 -9.91 4.41 -17.32
CA PHE B 154 -9.45 5.09 -16.14
C PHE B 154 -10.53 6.08 -15.77
N GLN B 155 -10.45 6.60 -14.54
CA GLN B 155 -11.27 7.73 -14.17
C GLN B 155 -10.45 8.56 -13.20
N THR B 156 -10.87 9.80 -12.97
CA THR B 156 -10.25 10.63 -11.95
C THR B 156 -11.27 11.66 -11.45
N LEU B 157 -11.13 12.04 -10.19
CA LEU B 157 -11.99 13.09 -9.63
C LEU B 157 -11.09 14.22 -9.21
N VAL B 158 -11.27 15.37 -9.82
CA VAL B 158 -10.42 16.52 -9.53
C VAL B 158 -11.33 17.58 -8.95
N MET B 159 -11.18 17.81 -7.64
CA MET B 159 -12.12 18.64 -6.88
C MET B 159 -11.50 19.99 -6.58
N LEU B 160 -12.32 21.03 -6.67
CA LEU B 160 -11.85 22.39 -6.36
C LEU B 160 -12.53 22.92 -5.08
N GLU B 161 -11.72 23.39 -4.13
CA GLU B 161 -12.23 24.09 -2.96
C GLU B 161 -12.67 25.46 -3.41
N THR B 162 -13.93 25.79 -3.20
CA THR B 162 -14.40 27.08 -3.67
C THR B 162 -15.12 27.80 -2.57
N VAL B 163 -15.15 29.12 -2.70
CA VAL B 163 -16.08 29.95 -1.97
C VAL B 163 -16.72 30.76 -3.09
N PRO B 164 -17.75 30.18 -3.72
CA PRO B 164 -18.37 30.70 -4.94
C PRO B 164 -19.21 31.95 -4.72
N ARG B 165 -19.02 32.98 -5.54
CA ARG B 165 -19.86 34.18 -5.44
C ARG B 165 -20.83 34.24 -6.60
N SER B 166 -21.86 35.07 -6.44
CA SER B 166 -22.90 35.24 -7.46
C SER B 166 -22.25 35.55 -8.80
N GLY B 167 -22.72 34.88 -9.84
CA GLY B 167 -22.26 35.14 -11.19
C GLY B 167 -20.96 34.47 -11.63
N GLU B 168 -20.24 33.84 -10.71
CA GLU B 168 -18.95 33.23 -11.08
C GLU B 168 -19.11 32.02 -12.00
N VAL B 169 -18.18 31.89 -12.94
CA VAL B 169 -18.17 30.68 -13.79
C VAL B 169 -16.91 29.86 -13.57
N TYR B 170 -17.11 28.59 -13.21
CA TYR B 170 -16.00 27.70 -12.98
C TYR B 170 -15.88 26.71 -14.13
N THR B 171 -14.68 26.52 -14.66
CA THR B 171 -14.53 25.63 -15.79
C THR B 171 -13.53 24.51 -15.50
N CYS B 172 -13.96 23.28 -15.75
CA CYS B 172 -13.05 22.13 -15.73
C CYS B 172 -12.60 21.87 -17.17
N GLN B 173 -11.30 21.94 -17.39
CA GLN B 173 -10.74 21.77 -18.72
C GLN B 173 -9.88 20.52 -18.83
N VAL B 174 -10.21 19.65 -19.79
CA VAL B 174 -9.54 18.38 -19.91
C VAL B 174 -8.76 18.23 -21.21
N GLU B 175 -7.48 17.91 -21.09
CA GLU B 175 -6.65 17.57 -22.26
C GLU B 175 -6.25 16.10 -22.22
N HIS B 176 -6.43 15.44 -23.36
CA HIS B 176 -6.30 14.00 -23.47
C HIS B 176 -6.01 13.65 -24.93
N PRO B 177 -5.21 12.59 -25.18
CA PRO B 177 -4.86 12.24 -26.57
C PRO B 177 -6.05 11.83 -27.43
N SER B 178 -7.22 11.60 -26.83
CA SER B 178 -8.41 11.24 -27.61
C SER B 178 -9.10 12.42 -28.32
N VAL B 179 -8.74 13.64 -27.94
CA VAL B 179 -9.35 14.83 -28.54
C VAL B 179 -8.29 15.84 -28.98
N THR B 180 -8.56 16.54 -30.07
CA THR B 180 -7.59 17.47 -30.65
C THR B 180 -7.69 18.85 -30.01
N SER B 181 -8.82 19.12 -29.36
CA SER B 181 -9.00 20.34 -28.58
C SER B 181 -9.49 20.00 -27.17
N PRO B 182 -9.10 20.80 -26.16
CA PRO B 182 -9.51 20.54 -24.78
C PRO B 182 -11.02 20.37 -24.62
N LEU B 183 -11.43 19.44 -23.77
CA LEU B 183 -12.83 19.34 -23.37
C LEU B 183 -13.08 20.33 -22.24
N THR B 184 -14.21 21.01 -22.27
CA THR B 184 -14.51 21.96 -21.20
C THR B 184 -15.93 21.77 -20.72
N VAL B 185 -16.11 21.79 -19.40
CA VAL B 185 -17.41 21.81 -18.79
C VAL B 185 -17.44 22.92 -17.74
N GLU B 186 -18.53 23.66 -17.72
CA GLU B 186 -18.67 24.85 -16.92
C GLU B 186 -19.68 24.58 -15.82
N TRP B 187 -19.41 25.15 -14.65
CA TRP B 187 -20.43 25.26 -13.60
C TRP B 187 -20.62 26.74 -13.28
N ARG B 188 -21.86 27.20 -13.35
CA ARG B 188 -22.15 28.59 -13.02
C ARG B 188 -22.83 28.76 -11.68
N ALA B 189 -22.18 29.55 -10.82
CA ALA B 189 -22.77 29.94 -9.55
C ALA B 189 -24.02 30.78 -9.85
N ARG B 190 -25.15 30.40 -9.28
CA ARG B 190 -26.42 31.08 -9.51
C ARG B 190 -26.36 32.59 -9.25
N SER B 191 -27.00 33.38 -10.12
CA SER B 191 -27.05 34.82 -9.92
C SER B 191 -28.14 35.20 -8.89
N GLU B 192 -27.72 35.63 -7.71
CA GLU B 192 -28.66 35.94 -6.64
C GLU B 192 -28.35 37.26 -5.94
N VAL C 1 0.01 -12.90 -30.82
CA VAL C 1 0.89 -12.72 -29.67
C VAL C 1 1.67 -14.02 -29.43
N VAL C 2 2.97 -13.91 -29.26
CA VAL C 2 3.81 -15.06 -28.92
C VAL C 2 4.37 -14.98 -27.50
N LYS C 3 4.62 -16.14 -26.90
CA LYS C 3 5.15 -16.18 -25.54
C LYS C 3 6.64 -16.48 -25.54
N GLN C 4 7.31 -16.16 -24.43
CA GLN C 4 8.66 -16.66 -24.15
C GLN C 4 8.50 -17.92 -23.34
N ASN C 5 9.34 -18.90 -23.61
CA ASN C 5 9.29 -20.18 -22.88
C ASN C 5 9.94 -20.05 -21.52
N CYS C 6 9.26 -20.59 -20.52
CA CYS C 6 9.80 -20.78 -19.19
C CYS C 6 11.03 -21.69 -19.26
N LEU C 7 12.11 -21.30 -18.57
CA LEU C 7 13.29 -22.16 -18.47
C LEU C 7 13.34 -22.91 -17.15
N LYS C 8 13.61 -24.22 -17.24
CA LYS C 8 13.72 -25.01 -16.02
C LYS C 8 14.98 -24.67 -15.24
N LEU C 9 14.83 -24.50 -13.93
CA LEU C 9 15.94 -24.18 -13.05
C LEU C 9 17.01 -25.27 -13.03
N ALA C 10 18.23 -24.91 -12.62
CA ALA C 10 19.27 -25.90 -12.35
C ALA C 10 18.80 -26.79 -11.20
N THR C 11 19.17 -28.06 -11.25
CA THR C 11 18.72 -28.98 -10.21
C THR C 11 19.79 -29.38 -9.18
N LYS C 12 20.76 -28.50 -8.94
CA LYS C 12 21.69 -28.69 -7.83
C LYS C 12 22.25 -27.37 -7.33
N LYS D 1 2.21 -14.88 15.89
CA LYS D 1 2.63 -15.74 17.00
C LYS D 1 3.47 -14.97 18.04
N GLU D 2 4.38 -14.11 17.58
CA GLU D 2 5.20 -13.32 18.50
C GLU D 2 4.37 -12.40 19.37
N GLU D 3 4.86 -12.12 20.56
CA GLU D 3 4.22 -11.20 21.48
C GLU D 3 4.69 -9.77 21.26
N HIS D 4 5.98 -9.57 21.00
CA HIS D 4 6.51 -8.22 20.87
C HIS D 4 7.72 -8.17 19.99
N VAL D 5 7.97 -7.00 19.43
CA VAL D 5 9.16 -6.75 18.64
C VAL D 5 9.75 -5.37 18.97
N ILE D 6 11.06 -5.37 19.20
CA ILE D 6 11.80 -4.15 19.44
C ILE D 6 12.79 -3.93 18.31
N ILE D 7 12.81 -2.73 17.74
CA ILE D 7 13.64 -2.50 16.58
C ILE D 7 14.53 -1.30 16.81
N GLN D 8 15.81 -1.46 16.54
CA GLN D 8 16.72 -0.35 16.39
C GLN D 8 16.86 -0.10 14.89
N ALA D 9 16.38 1.03 14.40
CA ALA D 9 16.45 1.28 12.96
C ALA D 9 17.23 2.55 12.70
N GLU D 10 18.07 2.50 11.68
CA GLU D 10 18.90 3.62 11.31
C GLU D 10 18.84 3.81 9.81
N PHE D 11 18.99 5.05 9.37
CA PHE D 11 19.26 5.29 7.97
C PHE D 11 20.22 6.45 7.75
N TYR D 12 20.84 6.44 6.57
CA TYR D 12 21.57 7.59 6.07
C TYR D 12 21.23 7.75 4.60
N LEU D 13 21.09 9.00 4.17
CA LEU D 13 20.62 9.31 2.83
C LEU D 13 21.53 10.33 2.11
N ASN D 14 21.99 9.95 0.92
CA ASN D 14 22.71 10.88 0.05
C ASN D 14 21.88 11.26 -1.18
N PRO D 15 22.06 12.49 -1.70
CA PRO D 15 23.01 13.53 -1.29
C PRO D 15 22.50 14.43 -0.16
N ASP D 16 21.36 14.10 0.42
CA ASP D 16 20.76 15.00 1.42
C ASP D 16 21.59 15.13 2.69
N GLN D 17 22.40 14.10 2.95
CA GLN D 17 23.18 13.99 4.19
C GLN D 17 22.28 13.99 5.42
N SER D 18 21.15 13.30 5.28
CA SER D 18 20.17 13.15 6.34
C SER D 18 20.30 11.77 6.96
N GLY D 19 20.28 11.71 8.29
CA GLY D 19 20.42 10.46 9.02
C GLY D 19 19.37 10.33 10.12
N GLU D 20 19.13 9.12 10.57
CA GLU D 20 18.17 8.89 11.65
C GLU D 20 18.57 7.66 12.44
N PHE D 21 18.35 7.70 13.75
CA PHE D 21 18.59 6.57 14.63
C PHE D 21 17.40 6.53 15.58
N MET D 22 16.74 5.40 15.68
CA MET D 22 15.52 5.34 16.51
C MET D 22 15.29 3.95 17.06
N PHE D 23 14.54 3.87 18.16
CA PHE D 23 14.08 2.58 18.68
C PHE D 23 12.55 2.52 18.58
N ASP D 24 12.06 1.33 18.29
CA ASP D 24 10.67 1.08 17.98
C ASP D 24 10.18 -0.09 18.86
N PHE D 25 8.98 0.00 19.42
CA PHE D 25 8.40 -1.13 20.15
C PHE D 25 6.98 -1.41 19.61
N ASP D 26 6.78 -2.60 19.05
CA ASP D 26 5.49 -2.95 18.43
C ASP D 26 4.98 -1.86 17.47
N GLY D 27 5.90 -1.24 16.72
CA GLY D 27 5.51 -0.25 15.73
C GLY D 27 5.43 1.19 16.23
N ASP D 28 5.55 1.40 17.54
CA ASP D 28 5.54 2.75 18.10
C ASP D 28 6.97 3.21 18.48
N GLU D 29 7.29 4.46 18.18
CA GLU D 29 8.61 5.00 18.49
C GLU D 29 8.82 5.19 20.00
N ILE D 30 9.89 4.61 20.53
CA ILE D 30 10.32 4.90 21.91
C ILE D 30 11.09 6.21 21.92
N PHE D 31 12.13 6.29 21.09
CA PHE D 31 12.90 7.53 20.97
C PHE D 31 13.66 7.59 19.64
N HIS D 32 14.15 8.78 19.30
CA HIS D 32 15.15 8.91 18.24
C HIS D 32 16.23 9.88 18.72
N VAL D 33 17.35 9.91 18.01
CA VAL D 33 18.39 10.89 18.34
C VAL D 33 18.42 12.09 17.40
N ASP D 34 18.27 13.29 17.96
CA ASP D 34 18.45 14.53 17.20
C ASP D 34 19.92 14.65 16.78
N MET D 35 20.18 14.60 15.47
CA MET D 35 21.56 14.70 14.99
C MET D 35 22.20 16.07 15.27
N ALA D 36 21.48 17.15 14.98
CA ALA D 36 22.02 18.49 15.19
C ALA D 36 22.31 18.78 16.67
N LYS D 37 21.30 18.60 17.52
CA LYS D 37 21.43 18.95 18.94
C LYS D 37 22.11 17.81 19.73
N LYS D 38 22.41 16.72 19.02
CA LYS D 38 23.09 15.57 19.58
C LYS D 38 22.45 15.02 20.85
N GLU D 39 21.11 15.01 20.91
CA GLU D 39 20.44 14.55 22.12
C GLU D 39 19.31 13.53 21.86
N THR D 40 19.06 12.69 22.85
CA THR D 40 18.01 11.68 22.78
C THR D 40 16.67 12.36 22.91
N VAL D 41 15.75 12.08 21.98
CA VAL D 41 14.41 12.67 22.04
C VAL D 41 13.37 11.58 22.28
N TRP D 42 12.70 11.64 23.43
CA TRP D 42 11.73 10.63 23.82
C TRP D 42 10.36 10.88 23.22
N ARG D 43 9.72 9.81 22.73
CA ARG D 43 8.46 9.99 22.02
C ARG D 43 7.35 10.41 22.95
N LEU D 44 7.33 9.85 24.15
CA LEU D 44 6.44 10.33 25.22
C LEU D 44 7.33 10.90 26.33
N GLU D 45 6.98 12.08 26.83
CA GLU D 45 7.80 12.76 27.84
C GLU D 45 8.21 11.89 29.03
N GLU D 46 7.27 11.18 29.63
CA GLU D 46 7.58 10.34 30.80
C GLU D 46 8.67 9.31 30.51
N PHE D 47 8.85 8.91 29.25
CA PHE D 47 9.87 7.92 28.90
C PHE D 47 11.26 8.36 29.37
N GLY D 48 11.54 9.65 29.25
CA GLY D 48 12.83 10.20 29.67
C GLY D 48 13.10 9.98 31.15
N ARG D 49 12.05 9.90 31.95
CA ARG D 49 12.15 9.58 33.38
C ARG D 49 12.39 8.09 33.64
N PHE D 50 12.12 7.23 32.65
CA PHE D 50 12.13 5.78 32.87
C PHE D 50 13.30 5.08 32.23
N ALA D 51 14.01 5.80 31.38
CA ALA D 51 15.05 5.16 30.58
C ALA D 51 16.07 6.19 30.18
N SER D 52 17.21 5.73 29.68
CA SER D 52 18.22 6.64 29.18
C SER D 52 18.90 6.02 27.98
N PHE D 53 19.49 6.86 27.16
CA PHE D 53 20.27 6.40 26.03
C PHE D 53 21.36 7.42 25.69
N GLU D 54 22.59 6.93 25.54
CA GLU D 54 23.70 7.82 25.22
C GLU D 54 23.67 8.18 23.73
N ALA D 55 23.29 9.42 23.46
CA ALA D 55 23.14 9.91 22.10
C ALA D 55 24.41 9.74 21.25
N GLN D 56 25.57 9.89 21.89
CA GLN D 56 26.85 9.75 21.19
C GLN D 56 26.99 8.42 20.45
N GLY D 57 26.53 7.34 21.07
CA GLY D 57 26.58 6.03 20.43
C GLY D 57 25.82 5.99 19.12
N ALA D 58 24.74 6.76 19.03
CA ALA D 58 23.98 6.85 17.78
C ALA D 58 24.73 7.60 16.69
N LEU D 59 25.40 8.68 17.07
CA LEU D 59 26.17 9.48 16.12
C LEU D 59 27.28 8.63 15.52
N ALA D 60 27.85 7.77 16.36
CA ALA D 60 28.89 6.83 15.92
C ALA D 60 28.33 5.80 14.95
N ASN D 61 27.14 5.28 15.24
CA ASN D 61 26.50 4.35 14.31
C ASN D 61 26.19 5.05 12.98
N ILE D 62 25.72 6.30 13.06
CA ILE D 62 25.36 7.07 11.86
C ILE D 62 26.56 7.40 10.97
N ALA D 63 27.70 7.73 11.58
CA ALA D 63 28.92 7.95 10.81
C ALA D 63 29.27 6.70 10.03
N CYS D 64 29.23 5.56 10.73
CA CYS D 64 29.45 4.25 10.12
C CYS D 64 28.42 3.96 9.00
N ASP D 65 27.15 4.27 9.25
CA ASP D 65 26.11 4.09 8.24
C ASP D 65 26.47 4.86 6.96
N LYS D 66 26.91 6.10 7.13
CA LYS D 66 27.26 6.97 6.00
C LYS D 66 28.43 6.40 5.20
N ALA D 67 29.46 5.92 5.90
CA ALA D 67 30.61 5.32 5.22
C ALA D 67 30.18 4.12 4.40
N ASN D 68 29.33 3.30 5.00
CA ASN D 68 28.82 2.12 4.32
C ASN D 68 27.98 2.48 3.09
N LEU D 69 27.18 3.53 3.22
CA LEU D 69 26.33 3.99 2.12
C LEU D 69 27.18 4.29 0.90
N GLU D 70 28.25 5.04 1.15
CA GLU D 70 29.18 5.42 0.09
C GLU D 70 29.91 4.24 -0.54
N ILE D 71 30.31 3.28 0.27
CA ILE D 71 30.89 2.06 -0.27
C ILE D 71 29.88 1.32 -1.14
N MET D 72 28.65 1.15 -0.65
CA MET D 72 27.67 0.40 -1.41
C MET D 72 27.19 1.18 -2.63
N THR D 73 27.10 2.50 -2.50
CA THR D 73 26.76 3.35 -3.64
C THR D 73 27.73 3.10 -4.80
N LYS D 74 29.03 3.17 -4.48
CA LYS D 74 30.07 2.99 -5.48
C LYS D 74 30.09 1.54 -5.95
N ARG D 75 29.89 0.62 -5.03
CA ARG D 75 29.90 -0.79 -5.37
C ARG D 75 28.80 -1.17 -6.35
N SER D 76 27.66 -0.49 -6.26
CA SER D 76 26.50 -0.81 -7.10
C SER D 76 26.54 -0.10 -8.45
N ASN D 77 27.64 0.61 -8.70
CA ASN D 77 27.76 1.48 -9.86
C ASN D 77 26.71 2.59 -9.84
N TYR D 78 26.53 3.18 -8.67
CA TYR D 78 25.64 4.31 -8.48
C TYR D 78 24.20 4.05 -8.92
N THR D 79 23.71 2.87 -8.57
CA THR D 79 22.30 2.54 -8.73
C THR D 79 21.49 3.41 -7.75
N PRO D 80 20.63 4.29 -8.27
CA PRO D 80 19.84 5.15 -7.39
C PRO D 80 18.60 4.44 -6.89
N ILE D 81 17.95 5.00 -5.88
CA ILE D 81 16.71 4.43 -5.36
C ILE D 81 15.58 4.80 -6.30
N THR D 82 14.65 3.86 -6.46
CA THR D 82 13.41 4.14 -7.16
C THR D 82 12.43 4.76 -6.18
N ASN D 83 11.94 5.96 -6.51
CA ASN D 83 10.93 6.62 -5.70
C ASN D 83 9.68 5.76 -5.56
N VAL D 84 9.14 5.71 -4.34
CA VAL D 84 7.84 5.08 -4.11
C VAL D 84 6.98 6.10 -3.39
N PRO D 85 5.93 6.62 -4.07
CA PRO D 85 5.11 7.69 -3.53
C PRO D 85 4.27 7.21 -2.35
N PRO D 86 3.92 8.11 -1.43
CA PRO D 86 3.18 7.72 -0.23
C PRO D 86 1.68 7.60 -0.42
N GLU D 87 1.07 6.69 0.32
CA GLU D 87 -0.37 6.73 0.57
C GLU D 87 -0.60 7.75 1.66
N VAL D 88 -1.65 8.55 1.54
CA VAL D 88 -1.92 9.57 2.53
C VAL D 88 -3.36 9.47 3.01
N THR D 89 -3.54 9.48 4.31
CA THR D 89 -4.88 9.40 4.88
C THR D 89 -5.00 10.44 5.98
N VAL D 90 -6.13 11.12 6.02
CA VAL D 90 -6.38 12.04 7.13
C VAL D 90 -7.55 11.51 7.95
N LEU D 91 -7.35 11.45 9.25
CA LEU D 91 -8.43 11.06 10.16
C LEU D 91 -8.30 11.81 11.50
N THR D 92 -9.35 11.76 12.30
CA THR D 92 -9.30 12.37 13.62
C THR D 92 -8.91 11.30 14.64
N ASN D 93 -8.43 11.70 15.82
CA ASN D 93 -8.11 10.70 16.83
C ASN D 93 -9.35 10.28 17.66
N SER D 94 -10.44 11.04 17.54
CA SER D 94 -11.69 10.70 18.23
C SER D 94 -12.90 11.20 17.44
N PRO D 95 -14.11 10.73 17.80
CA PRO D 95 -15.32 11.21 17.11
C PRO D 95 -15.47 12.72 17.25
N VAL D 96 -15.93 13.39 16.20
CA VAL D 96 -16.02 14.84 16.22
C VAL D 96 -17.25 15.29 17.01
N GLU D 97 -17.03 16.21 17.94
CA GLU D 97 -18.12 16.85 18.67
C GLU D 97 -17.83 18.32 18.87
N LEU D 98 -18.79 19.17 18.50
CA LEU D 98 -18.61 20.62 18.58
C LEU D 98 -18.22 21.04 20.01
N ARG D 99 -17.27 21.98 20.08
CA ARG D 99 -16.71 22.50 21.34
C ARG D 99 -15.87 21.47 22.09
N GLU D 100 -15.53 20.37 21.42
CA GLU D 100 -14.59 19.42 21.99
C GLU D 100 -13.34 19.37 21.14
N PRO D 101 -12.21 19.76 21.75
CA PRO D 101 -10.91 19.72 21.09
C PRO D 101 -10.66 18.33 20.51
N ASN D 102 -9.98 18.28 19.38
CA ASN D 102 -9.75 17.02 18.71
C ASN D 102 -8.40 17.15 18.03
N VAL D 103 -7.98 16.11 17.35
CA VAL D 103 -6.70 16.17 16.67
C VAL D 103 -6.85 15.50 15.32
N LEU D 104 -6.45 16.21 14.27
CA LEU D 104 -6.40 15.60 12.94
C LEU D 104 -5.06 14.92 12.79
N ILE D 105 -5.08 13.69 12.27
CA ILE D 105 -3.83 12.98 12.01
C ILE D 105 -3.67 12.83 10.51
N CYS D 106 -2.53 13.29 10.00
CA CYS D 106 -2.16 13.00 8.62
C CYS D 106 -1.21 11.81 8.58
N PHE D 107 -1.70 10.70 8.03
CA PHE D 107 -0.97 9.44 8.04
C PHE D 107 -0.30 9.22 6.69
N ILE D 108 1.04 9.23 6.66
CA ILE D 108 1.80 9.12 5.41
C ILE D 108 2.53 7.80 5.42
N ASP D 109 2.25 6.96 4.43
CA ASP D 109 2.64 5.55 4.54
C ASP D 109 3.21 4.96 3.26
N LYS D 110 4.06 3.95 3.45
CA LYS D 110 4.59 3.12 2.36
C LYS D 110 5.34 3.92 1.30
N PHE D 111 6.26 4.76 1.73
CA PHE D 111 7.01 5.56 0.78
C PHE D 111 8.50 5.47 1.03
N THR D 112 9.27 5.83 0.01
CA THR D 112 10.71 5.95 0.09
C THR D 112 11.18 6.79 -1.13
N PRO D 113 12.29 7.53 -1.00
CA PRO D 113 13.17 7.71 0.15
C PRO D 113 12.51 8.53 1.26
N PRO D 114 13.10 8.53 2.47
CA PRO D 114 12.53 9.26 3.61
C PRO D 114 12.72 10.77 3.54
N VAL D 115 12.07 11.40 2.58
CA VAL D 115 12.06 12.86 2.45
C VAL D 115 10.66 13.23 1.99
N VAL D 116 9.97 14.07 2.77
CA VAL D 116 8.65 14.55 2.37
C VAL D 116 8.49 16.00 2.81
N ASN D 117 7.73 16.78 2.04
CA ASN D 117 7.32 18.10 2.50
C ASN D 117 5.84 18.04 2.87
N VAL D 118 5.55 18.33 4.13
CA VAL D 118 4.17 18.23 4.61
C VAL D 118 3.70 19.55 5.15
N THR D 119 2.54 19.99 4.66
CA THR D 119 1.95 21.23 5.14
C THR D 119 0.49 21.01 5.47
N TRP D 120 0.10 21.44 6.67
CA TRP D 120 -1.30 21.49 7.05
C TRP D 120 -1.89 22.77 6.49
N LEU D 121 -3.03 22.67 5.83
CA LEU D 121 -3.72 23.83 5.31
C LEU D 121 -5.08 23.96 5.97
N ARG D 122 -5.38 25.13 6.52
CA ARG D 122 -6.73 25.37 7.03
C ARG D 122 -7.37 26.47 6.20
N ASN D 123 -8.44 26.13 5.49
CA ASN D 123 -9.07 27.05 4.56
C ASN D 123 -8.06 27.61 3.57
N GLY D 124 -7.14 26.75 3.11
CA GLY D 124 -6.20 27.12 2.08
C GLY D 124 -4.92 27.77 2.60
N LYS D 125 -4.88 28.04 3.90
CA LYS D 125 -3.73 28.71 4.49
C LYS D 125 -2.91 27.77 5.36
N PRO D 126 -1.57 27.88 5.27
CA PRO D 126 -0.66 27.04 6.04
C PRO D 126 -0.84 27.27 7.52
N VAL D 127 -0.73 26.21 8.31
CA VAL D 127 -0.91 26.28 9.75
C VAL D 127 0.34 25.77 10.42
N THR D 128 0.79 26.47 11.46
CA THR D 128 1.97 26.03 12.20
C THR D 128 1.74 25.97 13.71
N THR D 129 0.60 26.47 14.17
CA THR D 129 0.34 26.51 15.61
C THR D 129 -0.08 25.17 16.21
N GLY D 130 0.72 24.68 17.15
CA GLY D 130 0.41 23.47 17.87
C GLY D 130 0.59 22.19 17.06
N VAL D 131 0.92 22.33 15.77
CA VAL D 131 1.15 21.14 14.95
C VAL D 131 2.43 20.44 15.37
N SER D 132 2.47 19.14 15.10
CA SER D 132 3.67 18.35 15.38
C SER D 132 3.75 17.18 14.41
N GLU D 133 4.82 16.42 14.50
CA GLU D 133 5.09 15.35 13.55
C GLU D 133 6.08 14.39 14.17
N THR D 134 6.13 13.18 13.62
CA THR D 134 7.11 12.17 14.02
C THR D 134 8.27 12.14 13.04
N VAL D 135 9.33 11.45 13.40
CA VAL D 135 10.36 11.13 12.44
C VAL D 135 9.85 9.98 11.56
N PHE D 136 10.72 9.49 10.69
CA PHE D 136 10.34 8.41 9.79
C PHE D 136 10.35 7.09 10.55
N LEU D 137 9.25 6.35 10.46
CA LEU D 137 9.17 5.06 11.14
C LEU D 137 9.42 3.93 10.15
N PRO D 138 10.14 2.89 10.58
CA PRO D 138 10.47 1.77 9.69
C PRO D 138 9.29 0.84 9.43
N ARG D 139 9.31 0.20 8.28
CA ARG D 139 8.31 -0.80 7.89
C ARG D 139 9.08 -2.04 7.47
N GLU D 140 8.47 -3.21 7.61
CA GLU D 140 9.14 -4.45 7.24
C GLU D 140 9.43 -4.59 5.72
N ASP D 141 8.75 -3.79 4.89
CA ASP D 141 9.07 -3.79 3.46
C ASP D 141 10.16 -2.77 3.13
N HIS D 142 10.72 -2.18 4.18
CA HIS D 142 11.86 -1.25 4.10
C HIS D 142 11.49 0.10 3.53
N LEU D 143 10.19 0.34 3.40
CA LEU D 143 9.64 1.67 3.12
C LEU D 143 9.45 2.39 4.46
N PHE D 144 8.83 3.56 4.45
CA PHE D 144 8.66 4.35 5.68
C PHE D 144 7.24 4.78 5.92
N ARG D 145 6.95 5.08 7.18
CA ARG D 145 5.71 5.75 7.50
C ARG D 145 5.98 6.95 8.39
N LYS D 146 5.03 7.87 8.46
CA LYS D 146 5.23 9.12 9.19
C LYS D 146 3.86 9.66 9.59
N PHE D 147 3.79 10.37 10.72
CA PHE D 147 2.53 10.95 11.18
C PHE D 147 2.70 12.47 11.39
N HIS D 148 1.72 13.26 10.94
CA HIS D 148 1.67 14.66 11.33
C HIS D 148 0.38 14.95 12.07
N TYR D 149 0.43 15.91 12.99
CA TYR D 149 -0.68 16.16 13.89
C TYR D 149 -1.13 17.63 13.93
N LEU D 150 -2.43 17.85 13.97
CA LEU D 150 -2.97 19.20 14.09
C LEU D 150 -4.14 19.23 15.09
N PRO D 151 -3.91 19.77 16.30
CA PRO D 151 -5.02 19.95 17.25
C PRO D 151 -6.01 20.96 16.69
N PHE D 152 -7.30 20.74 16.89
CA PHE D 152 -8.27 21.69 16.38
C PHE D 152 -9.59 21.60 17.13
N LEU D 153 -10.43 22.60 16.93
CA LEU D 153 -11.76 22.64 17.50
C LEU D 153 -12.71 22.62 16.32
N PRO D 154 -13.55 21.59 16.25
CA PRO D 154 -14.40 21.36 15.07
C PRO D 154 -15.31 22.54 14.79
N SER D 155 -15.48 22.85 13.51
CA SER D 155 -16.33 23.93 13.06
C SER D 155 -16.87 23.58 11.68
N THR D 156 -18.11 23.95 11.40
CA THR D 156 -18.71 23.76 10.08
C THR D 156 -18.16 24.73 9.06
N GLU D 157 -17.38 25.70 9.54
CA GLU D 157 -16.84 26.76 8.70
C GLU D 157 -15.46 26.47 8.14
N ASP D 158 -14.76 25.49 8.70
CA ASP D 158 -13.39 25.23 8.29
C ASP D 158 -13.25 23.98 7.41
N VAL D 159 -12.30 24.02 6.48
CA VAL D 159 -11.87 22.81 5.78
C VAL D 159 -10.36 22.67 5.94
N TYR D 160 -9.87 21.44 5.86
CA TYR D 160 -8.44 21.19 6.06
C TYR D 160 -7.92 20.32 4.92
N ASP D 161 -6.64 20.48 4.62
CA ASP D 161 -5.98 19.51 3.76
C ASP D 161 -4.64 19.18 4.37
N CYS D 162 -4.23 17.92 4.28
CA CYS D 162 -2.84 17.60 4.51
C CYS D 162 -2.21 17.55 3.14
N ARG D 163 -1.27 18.45 2.93
CA ARG D 163 -0.60 18.60 1.65
C ARG D 163 0.74 17.89 1.69
N VAL D 164 0.94 16.93 0.82
CA VAL D 164 2.16 16.13 0.87
C VAL D 164 2.92 16.21 -0.45
N GLU D 165 4.18 16.58 -0.38
CA GLU D 165 5.02 16.58 -1.57
C GLU D 165 6.09 15.52 -1.43
N HIS D 166 6.27 14.75 -2.49
CA HIS D 166 7.26 13.68 -2.53
C HIS D 166 7.72 13.46 -3.96
N TRP D 167 8.97 13.03 -4.14
CA TRP D 167 9.54 12.81 -5.48
C TRP D 167 8.84 11.72 -6.31
N GLY D 168 8.13 10.81 -5.65
CA GLY D 168 7.40 9.77 -6.33
C GLY D 168 6.08 10.23 -6.89
N LEU D 169 5.67 11.42 -6.47
CA LEU D 169 4.40 11.97 -6.92
C LEU D 169 4.62 12.87 -8.13
N ASP D 170 3.65 12.89 -9.05
CA ASP D 170 3.71 13.79 -10.19
C ASP D 170 3.38 15.22 -9.78
N GLU D 171 2.54 15.35 -8.75
CA GLU D 171 2.09 16.65 -8.27
C GLU D 171 1.87 16.62 -6.74
N PRO D 172 1.75 17.79 -6.10
CA PRO D 172 1.44 17.74 -4.66
C PRO D 172 0.10 17.06 -4.40
N LEU D 173 0.03 16.29 -3.33
CA LEU D 173 -1.17 15.57 -2.97
C LEU D 173 -1.88 16.28 -1.81
N LEU D 174 -3.09 16.76 -2.05
CA LEU D 174 -3.92 17.29 -0.96
C LEU D 174 -4.91 16.23 -0.49
N LYS D 175 -4.84 15.86 0.78
CA LYS D 175 -5.82 14.94 1.35
C LYS D 175 -6.77 15.74 2.21
N HIS D 176 -8.06 15.67 1.90
CA HIS D 176 -9.00 16.65 2.41
C HIS D 176 -9.79 16.13 3.61
N TRP D 177 -10.12 17.02 4.55
CA TRP D 177 -11.01 16.68 5.65
C TRP D 177 -11.87 17.87 6.04
N GLU D 178 -13.17 17.64 6.24
CA GLU D 178 -14.03 18.66 6.82
C GLU D 178 -15.17 18.01 7.57
N PHE D 179 -15.69 18.71 8.57
CA PHE D 179 -16.86 18.27 9.31
C PHE D 179 -18.06 19.04 8.78
N ASP D 180 -19.12 18.33 8.39
CA ASP D 180 -20.30 19.03 7.88
C ASP D 180 -21.62 18.67 8.55
N ALA D 181 -22.42 19.71 8.83
CA ALA D 181 -23.79 19.54 9.27
C ALA D 181 -24.62 19.01 8.10
N PRO D 182 -25.77 18.37 8.39
CA PRO D 182 -26.62 17.86 7.31
C PRO D 182 -27.02 18.93 6.28
N SER D 183 -26.64 18.72 5.02
CA SER D 183 -27.06 19.60 3.93
C SER D 183 -28.34 19.05 3.31
N PRO D 184 -29.13 19.90 2.63
CA PRO D 184 -30.40 19.38 2.07
C PRO D 184 -30.12 18.43 0.91
N LEU D 185 -30.80 17.28 0.85
CA LEU D 185 -30.65 16.35 -0.28
C LEU D 185 -30.91 17.11 -1.58
N PRO D 186 -30.08 16.86 -2.62
CA PRO D 186 -30.18 17.62 -3.86
C PRO D 186 -31.49 17.36 -4.59
N GLU D 187 -31.93 18.34 -5.35
CA GLU D 187 -33.15 18.24 -6.13
C GLU D 187 -33.09 17.06 -7.08
N ASP E 1 15.01 19.22 -6.44
CA ASP E 1 15.94 18.79 -7.48
C ASP E 1 15.65 17.37 -7.94
N THR E 2 16.41 16.90 -8.92
CA THR E 2 16.17 15.60 -9.53
C THR E 2 17.33 14.64 -9.32
N ARG E 3 18.33 15.05 -8.54
CA ARG E 3 19.51 14.23 -8.26
C ARG E 3 19.13 12.84 -7.78
N PRO E 4 19.84 11.82 -8.25
CA PRO E 4 19.51 10.47 -7.79
C PRO E 4 19.78 10.36 -6.30
N ARG E 5 19.00 9.55 -5.60
CA ARG E 5 19.21 9.39 -4.17
C ARG E 5 19.76 8.02 -3.90
N PHE E 6 20.54 7.92 -2.83
CA PHE E 6 21.10 6.65 -2.40
C PHE E 6 20.85 6.48 -0.90
N LEU E 7 20.23 5.37 -0.53
CA LEU E 7 19.73 5.17 0.83
C LEU E 7 20.33 3.92 1.47
N TRP E 8 20.78 4.05 2.71
CA TRP E 8 21.26 2.91 3.47
C TRP E 8 20.44 2.74 4.74
N GLN E 9 20.03 1.51 5.06
CA GLN E 9 19.38 1.29 6.33
C GLN E 9 20.06 0.17 7.09
N LEU E 10 20.06 0.29 8.42
CA LEU E 10 20.52 -0.77 9.28
C LEU E 10 19.44 -0.98 10.35
N LYS E 11 19.02 -2.23 10.53
CA LYS E 11 17.98 -2.58 11.49
C LYS E 11 18.37 -3.81 12.32
N PHE E 12 18.20 -3.70 13.63
CA PHE E 12 18.34 -4.81 14.54
C PHE E 12 16.97 -5.04 15.14
N GLU E 13 16.39 -6.21 14.87
CA GLU E 13 15.05 -6.52 15.32
C GLU E 13 15.05 -7.66 16.32
N CYS E 14 14.53 -7.40 17.52
CA CYS E 14 14.39 -8.41 18.56
C CYS E 14 12.95 -8.89 18.64
N HIS E 15 12.75 -10.18 18.39
CA HIS E 15 11.41 -10.77 18.38
C HIS E 15 11.22 -11.65 19.61
N PHE E 16 10.14 -11.41 20.35
CA PHE E 16 9.92 -12.08 21.62
C PHE E 16 8.69 -12.99 21.58
N PHE E 17 8.85 -14.21 22.06
CA PHE E 17 7.73 -15.16 22.17
C PHE E 17 7.68 -15.67 23.61
N ASN E 18 6.47 -15.77 24.15
CA ASN E 18 6.25 -16.29 25.50
C ASN E 18 7.13 -15.57 26.52
N GLY E 19 6.89 -14.27 26.68
CA GLY E 19 7.73 -13.47 27.53
C GLY E 19 9.10 -13.30 26.90
N THR E 20 10.16 -13.76 27.59
CA THR E 20 11.48 -13.73 26.98
C THR E 20 12.07 -15.14 26.84
N GLU E 21 11.19 -16.14 26.88
CA GLU E 21 11.58 -17.56 26.77
C GLU E 21 12.15 -17.89 25.40
N ARG E 22 11.52 -17.37 24.36
CA ARG E 22 11.97 -17.59 23.01
C ARG E 22 12.26 -16.24 22.36
N VAL E 23 13.52 -15.99 22.02
CA VAL E 23 13.92 -14.70 21.49
C VAL E 23 14.72 -14.92 20.21
N ARG E 24 14.40 -14.14 19.17
CA ARG E 24 15.14 -14.20 17.93
C ARG E 24 15.61 -12.82 17.49
N LEU E 25 16.90 -12.71 17.18
CA LEU E 25 17.46 -11.45 16.69
C LEU E 25 17.69 -11.49 15.18
N LEU E 26 17.23 -10.44 14.50
CA LEU E 26 17.48 -10.30 13.08
C LEU E 26 18.11 -8.94 12.80
N GLU E 27 19.37 -8.99 12.37
CA GLU E 27 20.15 -7.81 12.01
C GLU E 27 20.15 -7.75 10.50
N ARG E 28 19.88 -6.57 9.94
CA ARG E 28 19.74 -6.44 8.49
C ARG E 28 20.24 -5.14 7.97
N SER E 29 21.01 -5.21 6.89
CA SER E 29 21.43 -4.02 6.17
C SER E 29 20.60 -3.95 4.89
N ILE E 30 20.18 -2.75 4.50
CA ILE E 30 19.34 -2.58 3.30
C ILE E 30 19.87 -1.42 2.48
N TYR E 31 20.13 -1.66 1.20
CA TYR E 31 20.55 -0.60 0.29
C TYR E 31 19.38 -0.22 -0.59
N ASN E 32 19.02 1.06 -0.57
CA ASN E 32 17.84 1.53 -1.28
C ASN E 32 16.62 0.76 -0.82
N GLN E 33 16.13 -0.21 -1.60
CA GLN E 33 15.04 -1.07 -1.12
C GLN E 33 15.41 -2.54 -1.06
N GLU E 34 16.69 -2.84 -1.22
CA GLU E 34 17.13 -4.24 -1.26
C GLU E 34 17.92 -4.63 -0.01
N GLU E 35 17.49 -5.70 0.64
CA GLU E 35 18.23 -6.26 1.76
C GLU E 35 19.55 -6.84 1.23
N SER E 36 20.65 -6.50 1.90
CA SER E 36 21.96 -6.89 1.42
C SER E 36 22.55 -8.02 2.23
N VAL E 37 22.65 -7.81 3.55
CA VAL E 37 23.20 -8.81 4.46
C VAL E 37 22.36 -8.93 5.72
N ARG E 38 22.24 -10.13 6.24
CA ARG E 38 21.57 -10.35 7.51
C ARG E 38 22.31 -11.32 8.44
N PHE E 39 22.24 -11.02 9.73
CA PHE E 39 22.56 -12.00 10.74
C PHE E 39 21.26 -12.40 11.42
N ASP E 40 20.93 -13.69 11.33
CA ASP E 40 19.75 -14.27 11.96
C ASP E 40 20.25 -15.19 13.07
N SER E 41 19.82 -14.91 14.31
CA SER E 41 20.29 -15.67 15.48
C SER E 41 19.90 -17.14 15.44
N ASP E 42 18.85 -17.47 14.69
CA ASP E 42 18.51 -18.88 14.50
C ASP E 42 19.48 -19.55 13.51
N VAL E 43 20.24 -18.75 12.76
CA VAL E 43 21.22 -19.29 11.83
C VAL E 43 22.63 -19.27 12.44
N GLY E 44 23.01 -18.16 13.05
CA GLY E 44 24.25 -18.13 13.80
C GLY E 44 25.42 -17.54 13.04
N GLU E 45 25.22 -17.14 11.79
CA GLU E 45 26.28 -16.48 11.04
C GLU E 45 25.65 -15.52 10.06
N TYR E 46 26.44 -14.57 9.55
CA TYR E 46 25.95 -13.64 8.55
C TYR E 46 25.69 -14.35 7.23
N ARG E 47 24.62 -13.93 6.55
CA ARG E 47 24.28 -14.44 5.21
C ARG E 47 24.03 -13.28 4.23
N ALA E 48 24.62 -13.37 3.05
CA ALA E 48 24.34 -12.42 2.00
C ALA E 48 22.94 -12.71 1.49
N VAL E 49 22.14 -11.67 1.28
CA VAL E 49 20.81 -11.85 0.73
C VAL E 49 20.86 -11.60 -0.78
N THR E 50 21.33 -10.43 -1.17
CA THR E 50 21.59 -10.11 -2.57
C THR E 50 23.10 -10.20 -2.82
N GLU E 51 23.50 -10.24 -4.09
CA GLU E 51 24.89 -10.50 -4.45
C GLU E 51 25.91 -9.45 -3.99
N LEU E 52 25.54 -8.18 -4.01
CA LEU E 52 26.48 -7.16 -3.59
C LEU E 52 26.85 -7.27 -2.12
N GLY E 53 26.07 -8.05 -1.36
CA GLY E 53 26.37 -8.20 0.06
C GLY E 53 27.38 -9.30 0.37
N ARG E 54 27.75 -10.05 -0.66
CA ARG E 54 28.65 -11.20 -0.49
C ARG E 54 29.99 -10.92 0.21
N PRO E 55 30.70 -9.85 -0.20
CA PRO E 55 32.00 -9.57 0.44
C PRO E 55 31.85 -9.24 1.93
N ASP E 56 30.70 -8.68 2.31
CA ASP E 56 30.46 -8.28 3.68
C ASP E 56 30.19 -9.47 4.59
N ALA E 57 29.33 -10.38 4.15
CA ALA E 57 29.07 -11.60 4.93
C ALA E 57 30.33 -12.41 5.11
N GLU E 58 31.11 -12.58 4.05
CA GLU E 58 32.36 -13.34 4.16
C GLU E 58 33.32 -12.67 5.12
N TYR E 59 33.45 -11.35 5.00
CA TYR E 59 34.38 -10.62 5.84
C TYR E 59 33.97 -10.73 7.30
N TRP E 60 32.72 -10.42 7.60
CA TRP E 60 32.24 -10.45 8.98
C TRP E 60 32.29 -11.87 9.58
N ASN E 61 31.97 -12.87 8.78
CA ASN E 61 32.03 -14.26 9.27
C ASN E 61 33.47 -14.72 9.60
N SER E 62 34.46 -13.91 9.21
CA SER E 62 35.86 -14.26 9.50
C SER E 62 36.32 -13.65 10.82
N GLN E 63 35.45 -12.88 11.47
CA GLN E 63 35.81 -12.22 12.71
C GLN E 63 35.23 -13.00 13.89
N LYS E 64 36.09 -13.75 14.58
CA LYS E 64 35.63 -14.60 15.69
C LYS E 64 34.96 -13.83 16.81
N ASP E 65 35.54 -12.68 17.18
CA ASP E 65 34.97 -11.86 18.25
C ASP E 65 33.59 -11.35 17.89
N LEU E 66 33.45 -10.93 16.63
CA LEU E 66 32.21 -10.43 16.10
C LEU E 66 31.12 -11.47 16.22
N LEU E 67 31.38 -12.66 15.73
CA LEU E 67 30.38 -13.72 15.78
C LEU E 67 30.00 -14.02 17.21
N GLU E 68 30.99 -13.93 18.11
CA GLU E 68 30.73 -14.17 19.53
C GLU E 68 29.76 -13.18 20.16
N GLN E 69 30.00 -11.88 19.97
CA GLN E 69 29.07 -10.85 20.42
C GLN E 69 27.68 -11.04 19.83
N ARG E 70 27.59 -11.21 18.50
CA ARG E 70 26.28 -11.33 17.86
C ARG E 70 25.51 -12.53 18.37
N ARG E 71 26.20 -13.63 18.62
CA ARG E 71 25.54 -14.87 19.09
C ARG E 71 25.07 -14.79 20.54
N ALA E 72 25.65 -13.87 21.30
CA ALA E 72 25.24 -13.65 22.69
C ALA E 72 24.21 -12.53 22.78
N ALA E 73 24.02 -11.82 21.66
CA ALA E 73 23.20 -10.60 21.64
C ALA E 73 21.73 -10.82 22.01
N VAL E 74 21.20 -12.03 21.81
CA VAL E 74 19.82 -12.28 22.22
C VAL E 74 19.67 -12.09 23.73
N ASP E 75 20.77 -12.23 24.45
CA ASP E 75 20.79 -12.00 25.90
C ASP E 75 21.21 -10.57 26.23
N THR E 76 22.39 -10.20 25.77
CA THR E 76 23.01 -8.93 26.16
C THR E 76 22.35 -7.69 25.53
N TYR E 77 21.56 -7.92 24.49
CA TYR E 77 20.91 -6.83 23.75
C TYR E 77 19.39 -6.93 23.82
N CYS E 78 18.84 -7.99 23.23
CA CYS E 78 17.39 -8.17 23.16
C CYS E 78 16.73 -8.30 24.53
N ARG E 79 17.17 -9.29 25.31
CA ARG E 79 16.60 -9.49 26.63
C ARG E 79 16.92 -8.32 27.55
N HIS E 80 18.12 -7.75 27.43
CA HIS E 80 18.48 -6.61 28.25
C HIS E 80 17.53 -5.44 28.00
N ASN E 81 17.34 -5.08 26.73
CA ASN E 81 16.50 -3.94 26.41
C ASN E 81 15.05 -4.16 26.77
N TYR E 82 14.59 -5.39 26.58
CA TYR E 82 13.23 -5.76 26.95
C TYR E 82 13.02 -5.52 28.45
N GLY E 83 14.00 -5.96 29.25
CA GLY E 83 13.90 -5.87 30.70
C GLY E 83 13.81 -4.45 31.20
N VAL E 84 14.68 -3.58 30.70
CA VAL E 84 14.73 -2.21 31.18
C VAL E 84 13.52 -1.40 30.71
N GLY E 85 12.96 -1.78 29.56
CA GLY E 85 11.82 -1.06 29.00
C GLY E 85 10.45 -1.60 29.38
N GLU E 86 10.41 -2.81 29.95
CA GLU E 86 9.16 -3.56 30.19
C GLU E 86 8.05 -2.75 30.88
N SER E 87 8.42 -1.99 31.92
CA SER E 87 7.42 -1.35 32.77
C SER E 87 6.54 -0.36 32.01
N PHE E 88 7.08 0.27 30.96
CA PHE E 88 6.30 1.29 30.25
C PHE E 88 5.91 0.90 28.82
N THR E 89 6.25 -0.32 28.43
CA THR E 89 5.91 -0.84 27.10
C THR E 89 5.05 -2.09 27.20
N VAL E 90 5.66 -3.20 27.58
CA VAL E 90 4.92 -4.45 27.80
C VAL E 90 3.72 -4.27 28.75
N GLN E 91 3.90 -3.48 29.82
CA GLN E 91 2.85 -3.30 30.84
C GLN E 91 1.93 -2.10 30.59
N ARG E 92 2.18 -1.35 29.53
CA ARG E 92 1.35 -0.18 29.21
C ARG E 92 -0.10 -0.60 28.94
N ARG E 93 -1.04 0.14 29.55
CA ARG E 93 -2.47 -0.13 29.38
C ARG E 93 -3.19 1.22 29.32
N VAL E 94 -3.96 1.47 28.27
CA VAL E 94 -4.82 2.64 28.24
C VAL E 94 -6.18 2.15 27.79
N GLU E 95 -7.18 2.47 28.57
CA GLU E 95 -8.52 1.96 28.38
C GLU E 95 -9.19 2.68 27.22
N PRO E 96 -9.90 1.94 26.38
CA PRO E 96 -10.57 2.58 25.25
C PRO E 96 -11.71 3.49 25.68
N LYS E 97 -11.88 4.59 24.96
CA LYS E 97 -13.12 5.34 25.05
C LYS E 97 -14.09 4.79 24.01
N VAL E 98 -15.27 4.41 24.46
CA VAL E 98 -16.23 3.76 23.58
C VAL E 98 -17.44 4.66 23.41
N THR E 99 -17.73 5.04 22.18
CA THR E 99 -18.91 5.87 21.91
C THR E 99 -19.71 5.28 20.76
N VAL E 100 -21.04 5.33 20.90
CA VAL E 100 -21.93 4.78 19.89
C VAL E 100 -22.82 5.89 19.33
N TYR E 101 -22.95 5.94 18.00
CA TYR E 101 -23.82 6.91 17.33
C TYR E 101 -24.21 6.42 15.93
N PRO E 102 -25.40 6.85 15.46
CA PRO E 102 -25.79 6.52 14.07
C PRO E 102 -25.01 7.38 13.11
N SER E 103 -24.58 6.84 11.98
CA SER E 103 -23.83 7.62 11.01
C SER E 103 -24.68 8.76 10.45
N LYS E 104 -25.99 8.55 10.35
CA LYS E 104 -26.87 9.62 9.88
C LYS E 104 -28.17 9.60 10.68
N THR E 105 -28.82 10.76 10.78
CA THR E 105 -30.01 10.92 11.62
C THR E 105 -31.36 10.88 10.89
N GLN E 106 -31.93 9.69 10.75
CA GLN E 106 -33.18 9.49 10.02
C GLN E 106 -34.27 8.88 10.89
N PRO E 107 -35.52 8.88 10.38
CA PRO E 107 -36.52 8.06 11.06
C PRO E 107 -36.21 6.56 10.95
N LEU E 108 -36.81 5.80 11.86
CA LEU E 108 -36.79 4.35 11.86
C LEU E 108 -37.18 3.76 10.51
N GLN E 109 -36.87 2.47 10.36
CA GLN E 109 -37.33 1.69 9.22
C GLN E 109 -36.54 1.96 7.94
N HIS E 110 -35.60 2.90 8.02
CA HIS E 110 -34.62 3.08 6.96
C HIS E 110 -33.20 2.62 7.37
N HIS E 111 -32.44 2.12 6.40
CA HIS E 111 -31.09 1.60 6.66
C HIS E 111 -30.16 2.65 7.26
N ASN E 112 -29.33 2.22 8.19
CA ASN E 112 -28.38 3.11 8.82
C ASN E 112 -27.16 2.32 9.24
N LEU E 113 -26.06 3.03 9.46
CA LEU E 113 -24.87 2.40 10.00
C LEU E 113 -24.69 2.83 11.45
N LEU E 114 -24.77 1.88 12.36
CA LEU E 114 -24.51 2.21 13.76
C LEU E 114 -23.02 2.08 14.00
N VAL E 115 -22.40 3.20 14.38
CA VAL E 115 -20.95 3.28 14.53
C VAL E 115 -20.56 3.04 15.98
N CYS E 116 -19.73 2.04 16.23
CA CYS E 116 -19.11 1.93 17.54
C CYS E 116 -17.66 2.35 17.43
N SER E 117 -17.38 3.53 17.94
CA SER E 117 -16.06 4.10 17.90
C SER E 117 -15.34 3.74 19.19
N VAL E 118 -14.16 3.16 19.04
CA VAL E 118 -13.36 2.69 20.16
C VAL E 118 -12.00 3.33 20.01
N SER E 119 -11.69 4.28 20.88
CA SER E 119 -10.51 5.12 20.64
C SER E 119 -9.59 5.29 21.86
N GLY E 120 -8.34 5.66 21.59
CA GLY E 120 -7.39 6.03 22.63
C GLY E 120 -6.82 4.86 23.41
N PHE E 121 -6.85 3.65 22.85
CA PHE E 121 -6.48 2.47 23.64
C PHE E 121 -5.08 1.91 23.38
N TYR E 122 -4.58 1.14 24.35
CA TYR E 122 -3.28 0.47 24.23
C TYR E 122 -3.30 -0.73 25.18
N PRO E 123 -2.80 -1.89 24.74
CA PRO E 123 -2.19 -2.15 23.42
C PRO E 123 -3.27 -2.48 22.35
N GLY E 124 -2.81 -3.00 21.21
CA GLY E 124 -3.67 -3.18 20.04
C GLY E 124 -4.76 -4.23 20.14
N SER E 125 -4.50 -5.33 20.85
CA SER E 125 -5.46 -6.41 20.99
C SER E 125 -6.78 -5.94 21.55
N ILE E 126 -7.85 -6.26 20.82
CA ILE E 126 -9.18 -5.78 21.21
C ILE E 126 -10.22 -6.62 20.50
N GLU E 127 -11.37 -6.78 21.12
CA GLU E 127 -12.46 -7.47 20.45
C GLU E 127 -13.72 -6.62 20.62
N VAL E 128 -14.38 -6.34 19.51
CA VAL E 128 -15.56 -5.50 19.52
C VAL E 128 -16.70 -6.26 18.92
N ARG E 129 -17.79 -6.37 19.66
CA ARG E 129 -18.97 -7.12 19.23
C ARG E 129 -20.23 -6.26 19.27
N TRP E 130 -21.18 -6.59 18.40
CA TRP E 130 -22.44 -5.88 18.34
C TRP E 130 -23.60 -6.77 18.75
N PHE E 131 -24.52 -6.23 19.52
CA PHE E 131 -25.71 -6.93 19.96
C PHE E 131 -26.97 -6.16 19.63
N ARG E 132 -28.00 -6.91 19.24
CA ARG E 132 -29.33 -6.34 19.03
C ARG E 132 -30.27 -7.01 20.02
N ASN E 133 -30.89 -6.23 20.90
CA ASN E 133 -31.72 -6.77 21.98
C ASN E 133 -31.04 -7.97 22.66
N GLY E 134 -29.78 -7.80 23.03
CA GLY E 134 -29.05 -8.83 23.75
C GLY E 134 -28.56 -10.01 22.94
N GLN E 135 -28.83 -10.02 21.64
CA GLN E 135 -28.33 -11.10 20.79
C GLN E 135 -27.25 -10.63 19.84
N GLU E 136 -26.23 -11.47 19.67
CA GLU E 136 -25.06 -11.05 18.92
C GLU E 136 -25.35 -10.99 17.43
N GLU E 137 -25.00 -9.86 16.83
CA GLU E 137 -25.10 -9.72 15.38
C GLU E 137 -23.78 -10.13 14.76
N LYS E 138 -23.79 -11.24 14.04
CA LYS E 138 -22.60 -11.74 13.34
C LYS E 138 -22.41 -11.15 11.95
N ALA E 139 -23.51 -10.90 11.26
CA ALA E 139 -23.45 -10.40 9.88
C ALA E 139 -23.55 -8.88 9.85
N GLY E 140 -23.19 -8.28 8.72
CA GLY E 140 -23.33 -6.85 8.53
C GLY E 140 -22.41 -5.97 9.36
N VAL E 141 -21.28 -6.51 9.84
CA VAL E 141 -20.32 -5.72 10.63
C VAL E 141 -19.17 -5.22 9.75
N VAL E 142 -19.06 -3.91 9.64
CA VAL E 142 -18.04 -3.30 8.79
C VAL E 142 -17.03 -2.62 9.72
N SER E 143 -15.81 -3.15 9.76
CA SER E 143 -14.78 -2.64 10.67
C SER E 143 -13.61 -2.02 9.92
N THR E 144 -13.06 -0.94 10.48
CA THR E 144 -11.84 -0.37 9.91
C THR E 144 -10.64 -1.26 10.20
N GLY E 145 -10.79 -2.21 11.11
CA GLY E 145 -9.63 -2.87 11.67
C GLY E 145 -8.84 -1.95 12.60
N LEU E 146 -7.64 -2.37 12.98
CA LEU E 146 -6.84 -1.66 13.97
C LEU E 146 -6.10 -0.47 13.37
N ILE E 147 -6.29 0.70 13.94
CA ILE E 147 -5.58 1.88 13.45
C ILE E 147 -4.56 2.38 14.47
N GLN E 148 -3.29 2.41 14.09
CA GLN E 148 -2.22 2.88 14.96
C GLN E 148 -2.03 4.38 14.77
N ASN E 149 -2.19 5.16 15.84
CA ASN E 149 -2.20 6.64 15.76
C ASN E 149 -0.82 7.26 15.74
N GLY E 150 0.19 6.48 16.11
CA GLY E 150 1.56 6.95 16.06
C GLY E 150 1.98 7.55 17.39
N ASP E 151 1.06 7.57 18.34
CA ASP E 151 1.37 8.16 19.64
C ASP E 151 1.18 7.16 20.79
N TRP E 152 1.41 5.88 20.54
CA TRP E 152 1.18 4.85 21.57
C TRP E 152 -0.30 4.78 21.96
N THR E 153 -1.19 5.09 21.00
CA THR E 153 -2.59 4.72 21.13
C THR E 153 -3.12 4.13 19.83
N PHE E 154 -4.24 3.42 19.91
CA PHE E 154 -4.92 2.84 18.77
C PHE E 154 -6.37 3.31 18.76
N GLN E 155 -7.05 3.09 17.63
CA GLN E 155 -8.49 3.26 17.54
C GLN E 155 -9.05 2.28 16.51
N THR E 156 -10.35 2.04 16.58
CA THR E 156 -11.02 1.27 15.57
C THR E 156 -12.48 1.71 15.51
N LEU E 157 -13.07 1.66 14.32
CA LEU E 157 -14.49 1.97 14.19
C LEU E 157 -15.18 0.73 13.65
N VAL E 158 -16.13 0.23 14.41
CA VAL E 158 -16.78 -1.00 14.05
C VAL E 158 -18.25 -0.68 13.83
N MET E 159 -18.69 -0.78 12.57
CA MET E 159 -20.03 -0.32 12.18
C MET E 159 -20.99 -1.48 11.93
N LEU E 160 -22.24 -1.29 12.35
CA LEU E 160 -23.27 -2.30 12.13
C LEU E 160 -24.33 -1.86 11.10
N GLU E 161 -24.51 -2.65 10.05
CA GLU E 161 -25.63 -2.41 9.12
C GLU E 161 -26.96 -2.81 9.79
N THR E 162 -27.86 -1.85 9.92
CA THR E 162 -29.14 -2.14 10.55
C THR E 162 -30.27 -1.35 9.90
N VAL E 163 -31.49 -1.83 10.12
CA VAL E 163 -32.72 -1.08 9.86
C VAL E 163 -33.43 -1.02 11.20
N PRO E 164 -33.11 0.01 12.00
CA PRO E 164 -33.58 0.07 13.38
C PRO E 164 -35.08 0.34 13.51
N ARG E 165 -35.76 -0.50 14.28
CA ARG E 165 -37.18 -0.32 14.60
C ARG E 165 -37.42 0.02 16.08
N SER E 166 -38.62 0.54 16.36
CA SER E 166 -39.00 1.01 17.69
C SER E 166 -38.77 -0.01 18.80
N GLY E 167 -38.22 0.46 19.92
CA GLY E 167 -38.03 -0.38 21.09
C GLY E 167 -36.76 -1.20 21.08
N GLU E 168 -36.06 -1.20 19.94
CA GLU E 168 -34.83 -1.97 19.82
C GLU E 168 -33.70 -1.39 20.65
N VAL E 169 -32.90 -2.27 21.25
CA VAL E 169 -31.70 -1.83 21.94
C VAL E 169 -30.45 -2.43 21.33
N TYR E 170 -29.53 -1.57 20.89
CA TYR E 170 -28.28 -2.03 20.31
C TYR E 170 -27.15 -1.80 21.29
N THR E 171 -26.31 -2.82 21.45
CA THR E 171 -25.18 -2.74 22.36
C THR E 171 -23.88 -3.05 21.64
N CYS E 172 -22.90 -2.15 21.81
CA CYS E 172 -21.53 -2.41 21.41
C CYS E 172 -20.77 -2.94 22.63
N GLN E 173 -20.14 -4.10 22.49
CA GLN E 173 -19.40 -4.70 23.59
C GLN E 173 -17.89 -4.80 23.29
N VAL E 174 -17.07 -4.25 24.17
CA VAL E 174 -15.63 -4.19 23.93
C VAL E 174 -14.85 -4.96 24.99
N GLU E 175 -13.98 -5.88 24.57
CA GLU E 175 -13.09 -6.58 25.49
C GLU E 175 -11.66 -6.17 25.18
N HIS E 176 -10.89 -5.84 26.21
CA HIS E 176 -9.54 -5.28 26.04
C HIS E 176 -8.74 -5.57 27.31
N PRO E 177 -7.43 -5.80 27.16
CA PRO E 177 -6.62 -6.18 28.34
C PRO E 177 -6.60 -5.13 29.45
N SER E 178 -7.03 -3.90 29.18
CA SER E 178 -7.03 -2.89 30.24
C SER E 178 -8.16 -3.06 31.27
N VAL E 179 -9.19 -3.84 30.92
CA VAL E 179 -10.35 -3.98 31.79
C VAL E 179 -10.68 -5.45 32.04
N THR E 180 -11.20 -5.77 33.22
CA THR E 180 -11.42 -7.15 33.60
C THR E 180 -12.81 -7.64 33.19
N SER E 181 -13.71 -6.70 32.94
CA SER E 181 -15.03 -7.03 32.43
C SER E 181 -15.31 -6.17 31.21
N PRO E 182 -16.11 -6.68 30.26
CA PRO E 182 -16.42 -5.95 29.03
C PRO E 182 -16.95 -4.55 29.25
N LEU E 183 -16.50 -3.60 28.43
CA LEU E 183 -17.18 -2.29 28.36
C LEU E 183 -18.37 -2.44 27.43
N THR E 184 -19.50 -1.86 27.81
CA THR E 184 -20.70 -1.92 26.98
C THR E 184 -21.29 -0.53 26.88
N VAL E 185 -21.70 -0.16 25.68
CA VAL E 185 -22.45 1.07 25.45
C VAL E 185 -23.67 0.71 24.61
N GLU E 186 -24.79 1.33 24.96
CA GLU E 186 -26.08 1.03 24.37
C GLU E 186 -26.56 2.18 23.50
N TRP E 187 -27.24 1.83 22.41
CA TRP E 187 -28.00 2.82 21.67
C TRP E 187 -29.43 2.32 21.60
N ARG E 188 -30.36 3.17 21.95
CA ARG E 188 -31.76 2.77 21.99
C ARG E 188 -32.43 3.26 20.72
N ALA E 189 -32.99 2.33 19.96
CA ALA E 189 -33.64 2.65 18.70
C ALA E 189 -34.80 3.61 18.92
N ARG E 190 -34.73 4.74 18.22
CA ARG E 190 -35.70 5.81 18.39
C ARG E 190 -35.64 6.76 17.19
N VAL F 1 18.85 1.81 27.74
CA VAL F 1 18.76 1.07 26.49
C VAL F 1 20.13 0.96 25.85
N VAL F 2 20.52 -0.26 25.45
CA VAL F 2 21.79 -0.40 24.75
C VAL F 2 21.57 -0.63 23.25
N LYS F 3 22.54 -0.16 22.46
CA LYS F 3 22.51 -0.29 21.03
C LYS F 3 23.43 -1.40 20.61
N GLN F 4 23.21 -1.90 19.40
CA GLN F 4 24.16 -2.76 18.71
C GLN F 4 24.99 -1.86 17.78
N ASN F 5 26.28 -2.13 17.66
CA ASN F 5 27.15 -1.32 16.82
C ASN F 5 27.02 -1.60 15.32
N CYS F 6 27.00 -0.53 14.53
CA CYS F 6 27.14 -0.62 13.08
C CYS F 6 28.50 -1.22 12.71
N LEU F 7 28.51 -2.18 11.78
CA LEU F 7 29.73 -2.77 11.26
C LEU F 7 30.15 -2.20 9.90
N LYS F 8 31.42 -1.86 9.76
CA LYS F 8 31.93 -1.33 8.50
C LYS F 8 31.98 -2.39 7.40
N LEU F 9 31.51 -2.03 6.21
CA LEU F 9 31.53 -2.93 5.07
C LEU F 9 32.96 -3.28 4.64
N ALA F 10 33.11 -4.41 3.97
CA ALA F 10 34.38 -4.81 3.36
C ALA F 10 34.81 -3.85 2.26
N THR F 11 36.12 -3.61 2.19
CA THR F 11 36.71 -2.76 1.17
C THR F 11 37.49 -3.57 0.13
#